data_1LE5
#
_entry.id   1LE5
#
_cell.length_a   137.525
_cell.length_b   138.015
_cell.length_c   89.320
_cell.angle_alpha   90.00
_cell.angle_beta   97.25
_cell.angle_gamma   90.00
#
_symmetry.space_group_name_H-M   'C 1 2 1'
#
loop_
_entity.id
_entity.type
_entity.pdbx_description
1 polymer "5'-D(*TP*GP*GP*GP*AP*AP*AP*TP*TP*CP*CP*T)-3'"
2 polymer "5'-D(*AP*AP*GP*GP*AP*AP*TP*TP*TP*CP*CP*C)-3'"
3 polymer 'Nuclear factor NF-kappa-B p65 subunit'
4 polymer 'Nuclear factor NF-kappa-B p50 subunit'
5 water water
#
loop_
_entity_poly.entity_id
_entity_poly.type
_entity_poly.pdbx_seq_one_letter_code
_entity_poly.pdbx_strand_id
1 'polydeoxyribonucleotide' (DT)(DG)(DG)(DG)(DA)(DA)(DA)(DT)(DT)(DC)(DC)(DT) C,G
2 'polydeoxyribonucleotide' (DA)(DA)(DG)(DG)(DA)(DA)(DT)(DT)(DT)(DC)(DC)(DC) D,H
3 'polypeptide(L)'
;MAYVEIIEQPKQRGMRFRYKCEGRSAGSIPGERSTDTTKTHPTIKINGYTGPGTVRISLVTKDPPHRPHPHELVGKDCRD
GYYEADLCPDRSIHSFQNLGIQCVKKRDLEQAISQRIQTNNNPFHVPIEEQRGDYDLNAVRLCFQVTVRDPAGRPLLLTP
VLSHPIFDNRAPNTAELKICRVNRNSGSCLGGDEIFLLCDKVQKEDIEVYFTGPGWEARGSFSQADVHRQVAIVFRTPPY
ADPSLQAPVRVSMQLRRPSDRELSEPMEFQYLPD
;
A,E
4 'polypeptide(L)'
;MGPYLQILEQPKQRGFRFRYVCEGPSHGGLPGASSEKNKKSYPQVKICNYVGPAKVIVQLVTNGKNIHLHAHSLVGKHCE
DGVCTVTAGPKDMVVGFANLGILHVTKKKVFETLEARMTEACIRGYNPGLLVHSDLAYLQAEGGGDRQLTDREKEIIRQA
AVQQTKEMDLSVVRLMFTAFLPDSTGSFTRRLEPVVSDAIYDSKAPNASNLKIVRMDRTAGCVTGGEEIYLLCDKVQKDD
IQIRFYEEEENGGVWEGFGDFSPTDVHRQFAIVFKTPKYKDVNITKPASVFVQLRRKSDLETSEPKPFLYYPE
;
B,F
#
# COMPACT_ATOMS: atom_id res chain seq x y z
N MET E 1 34.51 -26.93 8.35
CA MET E 1 33.65 -28.15 8.24
C MET E 1 33.21 -28.39 6.79
N ALA E 2 31.92 -28.18 6.52
CA ALA E 2 31.38 -28.38 5.18
C ALA E 2 30.24 -27.39 4.88
N TYR E 3 29.95 -27.15 3.61
CA TYR E 3 28.86 -26.23 3.28
C TYR E 3 27.74 -26.86 2.45
N VAL E 4 26.55 -26.26 2.55
CA VAL E 4 25.37 -26.73 1.82
C VAL E 4 25.07 -25.79 0.65
N GLU E 5 24.88 -26.36 -0.54
CA GLU E 5 24.59 -25.58 -1.74
C GLU E 5 23.51 -26.26 -2.60
N ILE E 6 22.29 -25.76 -2.52
CA ILE E 6 21.17 -26.31 -3.29
C ILE E 6 21.39 -26.13 -4.80
N ILE E 7 21.42 -27.26 -5.53
CA ILE E 7 21.64 -27.29 -6.98
C ILE E 7 20.42 -26.96 -7.84
N GLU E 8 19.28 -27.58 -7.54
CA GLU E 8 18.05 -27.34 -8.31
C GLU E 8 17.00 -26.54 -7.52
N GLN E 9 17.15 -25.21 -7.52
CA GLN E 9 16.22 -24.35 -6.80
C GLN E 9 14.80 -24.76 -7.19
N PRO E 10 13.80 -24.48 -6.32
CA PRO E 10 12.42 -24.84 -6.61
C PRO E 10 11.80 -23.93 -7.67
N LYS E 11 11.12 -24.51 -8.64
CA LYS E 11 10.51 -23.73 -9.72
C LYS E 11 9.75 -22.53 -9.13
N GLN E 12 10.33 -21.34 -9.32
CA GLN E 12 9.77 -20.09 -8.83
C GLN E 12 8.23 -20.13 -8.76
N ARG E 13 7.61 -20.20 -9.93
CA ARG E 13 6.15 -20.25 -10.03
C ARG E 13 5.72 -21.44 -10.88
N GLY E 14 4.93 -22.32 -10.29
CA GLY E 14 4.47 -23.49 -10.99
C GLY E 14 3.45 -24.30 -10.19
N MET E 15 3.84 -24.80 -9.03
CA MET E 15 2.94 -25.59 -8.20
C MET E 15 1.86 -24.80 -7.48
N ARG E 16 0.74 -25.47 -7.22
CA ARG E 16 -0.40 -24.86 -6.54
C ARG E 16 -0.61 -25.56 -5.19
N PHE E 17 -0.35 -24.84 -4.11
CA PHE E 17 -0.49 -25.39 -2.76
C PHE E 17 -1.80 -26.15 -2.59
N ARG E 18 -1.73 -27.27 -1.87
CA ARG E 18 -2.90 -28.11 -1.65
C ARG E 18 -3.35 -28.18 -0.19
N TYR E 19 -4.67 -28.18 0.03
CA TYR E 19 -5.22 -28.29 1.37
C TYR E 19 -5.30 -29.79 1.67
N LYS E 20 -5.24 -30.16 2.94
CA LYS E 20 -5.30 -31.57 3.32
C LYS E 20 -6.28 -32.31 2.40
N CYS E 21 -7.56 -31.95 2.54
CA CYS E 21 -8.64 -32.56 1.76
C CYS E 21 -8.34 -32.71 0.27
N GLU E 22 -7.40 -31.90 -0.22
CA GLU E 22 -7.03 -31.93 -1.64
C GLU E 22 -6.21 -33.16 -2.02
N GLY E 23 -6.86 -34.32 -1.90
CA GLY E 23 -6.22 -35.58 -2.22
C GLY E 23 -4.76 -35.59 -1.80
N ARG E 24 -4.48 -34.95 -0.67
CA ARG E 24 -3.12 -34.87 -0.14
C ARG E 24 -2.10 -35.03 -1.27
N SER E 25 -1.31 -36.10 -1.19
CA SER E 25 -0.30 -36.36 -2.20
C SER E 25 -0.92 -36.44 -3.59
N ALA E 26 -0.55 -35.48 -4.43
CA ALA E 26 -1.05 -35.40 -5.80
C ALA E 26 0.01 -34.76 -6.69
N GLY E 27 1.28 -34.93 -6.30
CA GLY E 27 2.38 -34.35 -7.06
C GLY E 27 3.46 -33.82 -6.14
N SER E 28 4.66 -33.65 -6.68
CA SER E 28 5.77 -33.16 -5.87
C SER E 28 6.16 -31.72 -6.21
N ILE E 29 7.39 -31.37 -5.83
CA ILE E 29 7.94 -30.05 -6.12
C ILE E 29 8.94 -30.27 -7.25
N PRO E 30 8.67 -29.67 -8.42
CA PRO E 30 9.53 -29.79 -9.59
C PRO E 30 10.89 -29.09 -9.48
N GLY E 31 11.89 -29.67 -10.13
CA GLY E 31 13.21 -29.08 -10.12
C GLY E 31 13.15 -27.78 -10.89
N GLU E 32 13.96 -26.80 -10.49
CA GLU E 32 13.97 -25.49 -11.14
C GLU E 32 13.89 -25.49 -12.66
N ARG E 33 14.70 -26.32 -13.31
CA ARG E 33 14.70 -26.38 -14.77
C ARG E 33 13.91 -27.55 -15.37
N SER E 34 12.87 -27.97 -14.66
CA SER E 34 12.02 -29.07 -15.12
C SER E 34 11.32 -28.74 -16.43
N THR E 35 10.99 -29.78 -17.18
CA THR E 35 10.30 -29.63 -18.47
C THR E 35 9.27 -30.74 -18.62
N ASP E 36 8.28 -30.52 -19.48
CA ASP E 36 7.21 -31.48 -19.74
C ASP E 36 7.75 -32.91 -19.92
N THR E 37 8.91 -33.02 -20.55
CA THR E 37 9.55 -34.32 -20.80
C THR E 37 10.64 -34.65 -19.77
N THR E 38 11.59 -33.74 -19.61
CA THR E 38 12.70 -33.92 -18.68
C THR E 38 12.37 -33.40 -17.28
N LYS E 39 11.71 -34.23 -16.48
CA LYS E 39 11.34 -33.84 -15.13
C LYS E 39 12.61 -33.81 -14.28
N THR E 40 12.75 -32.77 -13.46
CA THR E 40 13.91 -32.63 -12.59
C THR E 40 13.45 -32.66 -11.12
N HIS E 41 14.37 -32.44 -10.21
CA HIS E 41 14.07 -32.44 -8.78
C HIS E 41 15.11 -31.66 -7.96
N PRO E 42 14.66 -30.94 -6.91
CA PRO E 42 15.55 -30.16 -6.06
C PRO E 42 16.65 -31.04 -5.46
N THR E 43 17.90 -30.85 -5.91
CA THR E 43 19.01 -31.65 -5.40
C THR E 43 19.98 -30.77 -4.62
N ILE E 44 20.26 -31.16 -3.39
CA ILE E 44 21.19 -30.40 -2.57
C ILE E 44 22.60 -30.90 -2.87
N LYS E 45 23.60 -30.12 -2.45
CA LYS E 45 24.99 -30.47 -2.66
C LYS E 45 25.80 -30.15 -1.39
N ILE E 46 25.88 -31.12 -0.48
CA ILE E 46 26.60 -30.94 0.77
C ILE E 46 28.10 -31.19 0.56
N ASN E 47 28.86 -30.11 0.34
CA ASN E 47 30.30 -30.24 0.10
C ASN E 47 31.12 -30.16 1.39
N GLY E 48 32.05 -31.09 1.55
CA GLY E 48 32.90 -31.13 2.74
C GLY E 48 32.56 -32.30 3.63
N TYR E 49 31.74 -33.21 3.11
CA TYR E 49 31.30 -34.40 3.85
C TYR E 49 30.84 -35.51 2.89
N THR E 50 31.17 -36.76 3.24
CA THR E 50 30.79 -37.92 2.42
C THR E 50 30.47 -39.18 3.25
N GLY E 51 29.39 -39.11 4.03
CA GLY E 51 28.99 -40.25 4.84
C GLY E 51 27.51 -40.21 5.18
N PRO E 52 27.09 -40.79 6.32
CA PRO E 52 25.68 -40.80 6.74
C PRO E 52 25.27 -39.54 7.50
N GLY E 53 24.04 -39.54 8.02
CA GLY E 53 23.56 -38.40 8.75
C GLY E 53 22.06 -38.24 8.65
N THR E 54 21.60 -37.01 8.48
CA THR E 54 20.16 -36.71 8.36
C THR E 54 19.86 -35.40 7.64
N VAL E 55 18.61 -35.23 7.23
CA VAL E 55 18.16 -34.01 6.55
C VAL E 55 16.77 -33.66 7.10
N ARG E 56 16.55 -32.39 7.44
CA ARG E 56 15.26 -31.96 7.97
C ARG E 56 14.71 -30.79 7.18
N ILE E 57 14.23 -31.08 5.97
CA ILE E 57 13.68 -30.06 5.09
C ILE E 57 12.45 -29.38 5.70
N SER E 58 12.63 -28.16 6.18
CA SER E 58 11.55 -27.37 6.79
C SER E 58 11.07 -26.28 5.85
N LEU E 59 9.98 -25.61 6.23
CA LEU E 59 9.44 -24.54 5.42
C LEU E 59 9.22 -23.25 6.22
N VAL E 60 10.01 -22.23 5.90
CA VAL E 60 9.91 -20.94 6.59
C VAL E 60 9.22 -19.90 5.71
N THR E 61 9.55 -18.63 5.98
CA THR E 61 8.99 -17.50 5.24
C THR E 61 10.06 -16.90 4.34
N LYS E 62 9.64 -16.08 3.38
CA LYS E 62 10.55 -15.46 2.43
C LYS E 62 11.37 -14.26 2.95
N ASP E 63 11.05 -13.76 4.14
CA ASP E 63 11.77 -12.61 4.67
C ASP E 63 12.69 -12.87 5.88
N PRO E 64 13.97 -12.40 5.80
CA PRO E 64 15.06 -12.50 6.78
C PRO E 64 14.72 -13.06 8.16
N PRO E 65 13.76 -12.45 8.85
CA PRO E 65 13.47 -13.05 10.16
C PRO E 65 12.72 -14.37 9.92
N HIS E 66 13.30 -15.23 9.09
CA HIS E 66 12.76 -16.53 8.69
C HIS E 66 11.98 -17.36 9.70
N ARG E 67 10.75 -16.96 10.01
CA ARG E 67 9.92 -17.73 10.95
C ARG E 67 9.52 -19.01 10.22
N PRO E 68 9.10 -20.02 10.97
CA PRO E 68 8.68 -21.31 10.39
C PRO E 68 7.28 -21.16 9.79
N HIS E 69 7.12 -21.42 8.50
CA HIS E 69 5.81 -21.28 7.86
C HIS E 69 4.83 -22.36 8.28
N PRO E 70 3.70 -21.94 8.89
CA PRO E 70 2.57 -22.72 9.42
C PRO E 70 2.05 -23.98 8.72
N HIS E 71 1.81 -23.94 7.42
CA HIS E 71 1.29 -25.15 6.78
C HIS E 71 2.38 -26.17 6.46
N GLU E 72 2.01 -27.44 6.56
CA GLU E 72 2.93 -28.56 6.39
C GLU E 72 3.42 -29.01 5.02
N LEU E 73 4.62 -29.58 5.04
CA LEU E 73 5.28 -30.14 3.86
C LEU E 73 5.00 -31.64 4.07
N VAL E 74 4.04 -32.17 3.31
CA VAL E 74 3.66 -33.58 3.45
C VAL E 74 4.32 -34.55 2.45
N GLY E 75 4.07 -35.84 2.63
CA GLY E 75 4.63 -36.83 1.73
C GLY E 75 5.65 -37.77 2.34
N LYS E 76 6.56 -38.24 1.49
CA LYS E 76 7.64 -39.17 1.86
C LYS E 76 8.55 -38.68 2.98
N ASP E 77 8.57 -39.40 4.09
CA ASP E 77 9.41 -39.07 5.24
C ASP E 77 9.11 -37.72 5.88
N CYS E 78 7.95 -37.15 5.57
CA CYS E 78 7.58 -35.87 6.16
C CYS E 78 6.78 -36.12 7.44
N ARG E 79 7.37 -35.74 8.57
CA ARG E 79 6.73 -35.94 9.88
C ARG E 79 6.42 -34.60 10.54
N ASP E 80 5.35 -34.56 11.32
CA ASP E 80 4.94 -33.36 12.03
C ASP E 80 5.02 -32.07 11.21
N GLY E 81 5.04 -32.19 9.88
CA GLY E 81 5.10 -31.02 9.03
C GLY E 81 6.31 -30.84 8.15
N TYR E 82 7.50 -31.02 8.70
CA TYR E 82 8.75 -30.87 7.94
C TYR E 82 9.10 -32.09 7.10
N TYR E 83 10.34 -32.54 7.25
CA TYR E 83 10.85 -33.71 6.53
C TYR E 83 12.12 -34.12 7.27
N GLU E 84 12.32 -35.41 7.47
CA GLU E 84 13.52 -35.89 8.15
C GLU E 84 13.90 -37.28 7.63
N ALA E 85 15.01 -37.34 6.89
CA ALA E 85 15.47 -38.60 6.32
C ALA E 85 16.93 -38.93 6.63
N ASP E 86 17.76 -39.00 5.59
CA ASP E 86 19.18 -39.32 5.75
C ASP E 86 20.09 -38.68 4.68
N LEU E 87 21.22 -39.34 4.43
CA LEU E 87 22.20 -38.91 3.45
C LEU E 87 22.98 -40.11 2.90
N CYS E 88 22.86 -40.35 1.61
CA CYS E 88 23.55 -41.47 0.95
C CYS E 88 25.07 -41.25 0.99
N PRO E 89 25.85 -42.33 1.22
CA PRO E 89 27.32 -42.27 1.27
C PRO E 89 28.00 -41.87 -0.04
N ASP E 90 27.97 -42.76 -1.03
CA ASP E 90 28.58 -42.50 -2.33
C ASP E 90 27.77 -41.41 -3.04
N ARG E 91 27.14 -40.58 -2.23
CA ARG E 91 26.32 -39.50 -2.73
C ARG E 91 26.67 -38.20 -1.99
N SER E 92 27.10 -37.20 -2.76
CA SER E 92 27.45 -35.90 -2.23
C SER E 92 26.54 -34.91 -2.92
N ILE E 93 25.47 -35.46 -3.51
CA ILE E 93 24.46 -34.69 -4.21
C ILE E 93 23.14 -35.48 -4.12
N HIS E 94 22.34 -35.13 -3.12
CA HIS E 94 21.05 -35.77 -2.86
C HIS E 94 19.89 -34.87 -3.29
N SER E 95 18.88 -35.47 -3.91
CA SER E 95 17.71 -34.74 -4.38
C SER E 95 16.48 -35.23 -3.63
N PHE E 96 15.38 -34.49 -3.75
CA PHE E 96 14.16 -34.89 -3.06
C PHE E 96 12.93 -35.02 -3.95
N GLN E 97 12.72 -36.24 -4.44
CA GLN E 97 11.60 -36.58 -5.30
C GLN E 97 10.41 -37.09 -4.50
N ASN E 98 9.72 -36.19 -3.82
CA ASN E 98 8.56 -36.53 -3.00
C ASN E 98 8.40 -35.50 -1.88
N LEU E 99 7.57 -34.49 -2.13
CA LEU E 99 7.32 -33.43 -1.16
C LEU E 99 6.27 -32.42 -1.64
N GLY E 100 5.10 -32.48 -1.03
CA GLY E 100 4.03 -31.56 -1.38
C GLY E 100 3.97 -30.39 -0.42
N ILE E 101 3.60 -29.23 -0.93
CA ILE E 101 3.50 -28.07 -0.08
C ILE E 101 2.04 -27.82 0.28
N GLN E 102 1.62 -28.37 1.43
CA GLN E 102 0.25 -28.23 1.91
C GLN E 102 0.01 -26.90 2.61
N CYS E 103 -1.14 -26.29 2.33
CA CYS E 103 -1.50 -25.01 2.93
C CYS E 103 -2.44 -25.10 4.15
N VAL E 104 -2.36 -24.10 5.01
CA VAL E 104 -3.18 -24.07 6.21
C VAL E 104 -4.23 -22.98 6.11
N LYS E 105 -5.50 -23.34 6.29
CA LYS E 105 -6.58 -22.36 6.24
C LYS E 105 -6.21 -21.23 7.22
N LYS E 106 -6.95 -20.13 7.16
CA LYS E 106 -6.69 -19.02 8.08
C LYS E 106 -7.22 -19.49 9.44
N ARG E 107 -8.36 -20.17 9.38
CA ARG E 107 -8.99 -20.73 10.57
C ARG E 107 -7.96 -21.53 11.36
N ASP E 108 -7.23 -22.41 10.67
CA ASP E 108 -6.23 -23.24 11.33
C ASP E 108 -4.84 -22.57 11.34
N LEU E 109 -4.80 -21.24 11.33
CA LEU E 109 -3.53 -20.52 11.34
C LEU E 109 -2.70 -20.73 12.60
N GLU E 110 -3.02 -19.98 13.66
CA GLU E 110 -2.29 -20.08 14.92
C GLU E 110 -2.07 -21.50 15.42
N GLN E 111 -3.00 -22.41 15.12
CA GLN E 111 -2.84 -23.80 15.55
C GLN E 111 -1.57 -24.31 14.87
N ALA E 112 -1.54 -24.24 13.55
CA ALA E 112 -0.37 -24.69 12.79
C ALA E 112 0.90 -24.10 13.39
N ILE E 113 0.81 -22.87 13.87
CA ILE E 113 1.95 -22.19 14.46
C ILE E 113 2.37 -22.84 15.78
N SER E 114 1.39 -23.18 16.61
CA SER E 114 1.70 -23.81 17.89
C SER E 114 2.31 -25.18 17.55
N GLN E 115 1.82 -25.77 16.47
CA GLN E 115 2.30 -27.08 16.04
C GLN E 115 3.72 -26.89 15.49
N ARG E 116 4.08 -25.64 15.28
CA ARG E 116 5.39 -25.31 14.76
C ARG E 116 6.36 -25.30 15.92
N ILE E 117 5.88 -24.81 17.06
CA ILE E 117 6.71 -24.72 18.26
C ILE E 117 6.67 -26.03 19.08
N GLN E 118 5.53 -26.70 19.09
CA GLN E 118 5.42 -27.95 19.83
C GLN E 118 6.26 -29.04 19.17
N THR E 119 6.68 -28.80 17.93
CA THR E 119 7.49 -29.77 17.21
C THR E 119 8.97 -29.42 17.21
N ASN E 120 9.30 -28.25 17.77
CA ASN E 120 10.67 -27.79 17.83
C ASN E 120 11.21 -27.45 16.44
N ASN E 121 10.34 -26.88 15.61
CA ASN E 121 10.68 -26.48 14.24
C ASN E 121 11.07 -25.01 14.29
N ASN E 122 12.37 -24.71 14.15
CA ASN E 122 12.84 -23.33 14.18
C ASN E 122 14.33 -23.33 13.76
N PRO E 123 14.61 -23.50 12.46
CA PRO E 123 15.93 -23.56 11.82
C PRO E 123 16.96 -22.50 12.20
N PHE E 124 16.52 -21.25 12.30
CA PHE E 124 17.40 -20.12 12.65
C PHE E 124 17.09 -19.67 14.08
N HIS E 125 16.09 -20.30 14.67
CA HIS E 125 15.66 -20.00 16.03
C HIS E 125 15.29 -18.53 16.17
N VAL E 126 13.99 -18.26 16.10
CA VAL E 126 13.47 -16.92 16.24
C VAL E 126 12.52 -16.90 17.41
N PRO E 127 12.78 -16.01 18.38
CA PRO E 127 11.95 -15.89 19.57
C PRO E 127 10.46 -16.05 19.30
N ILE E 128 9.82 -16.88 20.10
CA ILE E 128 8.39 -17.17 20.00
C ILE E 128 7.48 -15.95 19.80
N GLU E 129 7.70 -14.91 20.60
CA GLU E 129 6.89 -13.70 20.50
C GLU E 129 7.13 -12.99 19.17
N GLU E 130 8.29 -13.22 18.57
CA GLU E 130 8.63 -12.60 17.29
C GLU E 130 7.94 -13.43 16.22
N GLN E 131 8.12 -14.74 16.32
CA GLN E 131 7.51 -15.68 15.39
C GLN E 131 6.00 -15.70 15.61
N ARG E 132 5.35 -14.58 15.37
CA ARG E 132 3.91 -14.50 15.54
C ARG E 132 3.37 -13.47 14.55
N GLY E 133 2.13 -13.03 14.80
CA GLY E 133 1.52 -12.03 13.93
C GLY E 133 1.05 -12.55 12.60
N ASP E 134 1.40 -11.82 11.54
CA ASP E 134 1.01 -12.18 10.18
C ASP E 134 2.08 -13.01 9.50
N TYR E 135 1.64 -13.84 8.56
CA TYR E 135 2.54 -14.70 7.78
C TYR E 135 2.16 -14.69 6.30
N ASP E 136 3.15 -14.83 5.43
CA ASP E 136 2.88 -14.84 3.99
C ASP E 136 2.69 -16.28 3.54
N LEU E 137 1.43 -16.71 3.55
CA LEU E 137 1.07 -18.07 3.18
C LEU E 137 1.36 -18.42 1.72
N ASN E 138 1.21 -17.44 0.83
CA ASN E 138 1.41 -17.70 -0.60
C ASN E 138 2.86 -17.86 -1.05
N ALA E 139 3.79 -17.89 -0.11
CA ALA E 139 5.20 -18.07 -0.48
C ALA E 139 6.05 -18.61 0.67
N VAL E 140 7.03 -19.46 0.32
CA VAL E 140 7.93 -20.06 1.30
C VAL E 140 9.34 -20.37 0.77
N ARG E 141 10.26 -20.52 1.71
CA ARG E 141 11.66 -20.83 1.43
C ARG E 141 12.00 -22.11 2.19
N LEU E 142 12.07 -23.22 1.46
CA LEU E 142 12.40 -24.52 2.06
C LEU E 142 13.72 -24.41 2.81
N CYS E 143 13.78 -24.96 4.01
CA CYS E 143 15.01 -24.90 4.77
C CYS E 143 15.70 -26.25 4.78
N PHE E 144 17.01 -26.23 4.98
CA PHE E 144 17.81 -27.45 5.01
C PHE E 144 18.70 -27.52 6.25
N GLN E 145 18.17 -28.18 7.27
CA GLN E 145 18.84 -28.38 8.54
C GLN E 145 19.47 -29.78 8.52
N VAL E 146 20.44 -29.98 7.64
CA VAL E 146 21.12 -31.25 7.49
C VAL E 146 22.24 -31.42 8.53
N THR E 147 22.47 -32.67 8.94
CA THR E 147 23.50 -33.00 9.93
C THR E 147 24.63 -33.85 9.35
N VAL E 148 25.87 -33.38 9.54
CA VAL E 148 27.06 -34.09 9.04
C VAL E 148 27.81 -34.71 10.22
N ARG E 149 29.14 -34.79 10.09
CA ARG E 149 29.99 -35.35 11.13
C ARG E 149 31.42 -34.89 11.02
N ASP E 150 31.91 -34.26 12.08
CA ASP E 150 33.28 -33.78 12.11
C ASP E 150 34.19 -34.99 11.96
N PRO E 151 35.52 -34.78 12.01
CA PRO E 151 36.44 -35.92 11.88
C PRO E 151 36.46 -36.93 13.04
N ALA E 152 35.36 -37.04 13.79
CA ALA E 152 35.32 -37.98 14.91
C ALA E 152 34.01 -38.74 15.01
N GLY E 153 33.17 -38.60 13.99
CA GLY E 153 31.89 -39.29 13.99
C GLY E 153 30.81 -38.51 14.72
N ARG E 154 31.17 -37.35 15.24
CA ARG E 154 30.20 -36.54 15.96
C ARG E 154 29.32 -35.82 14.94
N PRO E 155 28.00 -35.82 15.18
CA PRO E 155 27.09 -35.16 14.26
C PRO E 155 27.42 -33.68 14.19
N LEU E 156 27.10 -33.04 13.07
CA LEU E 156 27.36 -31.62 12.91
C LEU E 156 26.29 -30.98 12.04
N LEU E 157 25.67 -29.93 12.55
CA LEU E 157 24.62 -29.22 11.83
C LEU E 157 25.22 -27.98 11.16
N LEU E 158 25.16 -27.94 9.83
CA LEU E 158 25.71 -26.82 9.08
C LEU E 158 24.69 -25.71 8.85
N THR E 159 25.05 -24.73 8.04
CA THR E 159 24.18 -23.59 7.75
C THR E 159 22.85 -24.00 7.14
N PRO E 160 21.72 -23.60 7.77
CA PRO E 160 20.41 -23.97 7.21
C PRO E 160 20.08 -23.09 5.99
N VAL E 161 20.60 -23.47 4.82
CA VAL E 161 20.35 -22.69 3.61
C VAL E 161 18.89 -22.70 3.18
N LEU E 162 18.50 -21.62 2.51
CA LEU E 162 17.14 -21.43 1.99
C LEU E 162 17.03 -21.65 0.48
N SER E 163 15.83 -21.99 0.04
CA SER E 163 15.56 -22.22 -1.36
C SER E 163 15.00 -20.94 -1.96
N HIS E 164 15.21 -20.75 -3.26
CA HIS E 164 14.69 -19.59 -3.97
C HIS E 164 13.20 -19.58 -3.70
N PRO E 165 12.60 -18.39 -3.65
CA PRO E 165 11.16 -18.30 -3.38
C PRO E 165 10.24 -19.25 -4.16
N ILE E 166 9.33 -19.88 -3.42
CA ILE E 166 8.33 -20.79 -3.98
C ILE E 166 7.00 -20.09 -3.78
N PHE E 167 6.35 -19.71 -4.87
CA PHE E 167 5.08 -19.04 -4.74
C PHE E 167 3.93 -19.95 -5.16
N ASP E 168 2.89 -19.97 -4.32
CA ASP E 168 1.69 -20.77 -4.55
C ASP E 168 1.07 -20.31 -5.86
N ASN E 169 1.44 -20.96 -6.95
CA ASN E 169 0.90 -20.60 -8.26
C ASN E 169 -0.63 -20.58 -8.27
N ARG E 170 -1.23 -20.92 -7.13
CA ARG E 170 -2.68 -20.92 -7.00
C ARG E 170 -3.06 -19.49 -6.62
N ALA E 171 -2.06 -18.76 -6.12
CA ALA E 171 -2.20 -17.38 -5.70
C ALA E 171 -2.28 -16.46 -6.92
N PRO E 172 -3.43 -15.79 -7.08
CA PRO E 172 -3.67 -14.87 -8.20
C PRO E 172 -2.60 -13.78 -8.32
N ASN E 173 -2.13 -13.28 -7.19
CA ASN E 173 -1.13 -12.21 -7.16
C ASN E 173 0.32 -12.62 -7.37
N THR E 174 0.55 -13.86 -7.77
CA THR E 174 1.91 -14.32 -8.03
C THR E 174 1.95 -15.67 -8.72
N ALA E 175 0.86 -16.02 -9.38
CA ALA E 175 0.80 -17.27 -10.12
C ALA E 175 1.73 -17.06 -11.32
N GLU E 176 1.85 -18.03 -12.22
CA GLU E 176 2.72 -17.84 -13.38
C GLU E 176 1.95 -16.97 -14.39
N LEU E 177 2.64 -16.49 -15.42
CA LEU E 177 2.02 -15.66 -16.45
C LEU E 177 1.89 -16.40 -17.76
N LYS E 178 0.66 -16.59 -18.23
CA LYS E 178 0.45 -17.30 -19.48
C LYS E 178 -0.49 -16.60 -20.46
N ILE E 179 -0.14 -16.67 -21.73
CA ILE E 179 -0.97 -16.13 -22.80
C ILE E 179 -1.45 -17.39 -23.51
N CYS E 180 -2.68 -17.80 -23.23
CA CYS E 180 -3.25 -19.01 -23.86
C CYS E 180 -3.34 -18.82 -25.35
N ARG E 181 -4.09 -17.81 -25.77
CA ARG E 181 -4.20 -17.51 -27.18
C ARG E 181 -4.57 -16.05 -27.38
N VAL E 182 -4.56 -15.62 -28.63
CA VAL E 182 -4.83 -14.23 -28.94
C VAL E 182 -5.65 -14.01 -30.20
N ASN E 183 -6.51 -12.98 -30.15
CA ASN E 183 -7.39 -12.58 -31.25
C ASN E 183 -6.67 -12.63 -32.58
N ARG E 184 -5.74 -11.70 -32.74
CA ARG E 184 -4.95 -11.58 -33.94
C ARG E 184 -3.52 -11.29 -33.54
N ASN E 185 -2.58 -11.57 -34.42
CA ASN E 185 -1.18 -11.30 -34.10
C ASN E 185 -0.47 -10.54 -35.20
N SER E 186 -1.15 -9.55 -35.79
CA SER E 186 -0.53 -8.77 -36.86
C SER E 186 -0.66 -7.25 -36.69
N GLY E 187 -1.89 -6.74 -36.75
CA GLY E 187 -2.11 -5.30 -36.60
C GLY E 187 -1.21 -4.33 -37.36
N SER E 188 -1.72 -3.13 -37.59
CA SER E 188 -0.95 -2.11 -38.31
C SER E 188 0.13 -1.44 -37.48
N CYS E 189 1.23 -1.08 -38.14
CA CYS E 189 2.34 -0.43 -37.46
C CYS E 189 1.92 0.94 -36.91
N LEU E 190 0.64 1.26 -37.13
CA LEU E 190 0.06 2.52 -36.65
C LEU E 190 -0.70 2.29 -35.35
N GLY E 191 -0.82 1.01 -34.96
CA GLY E 191 -1.50 0.65 -33.73
C GLY E 191 -2.97 1.00 -33.65
N GLY E 192 -3.66 0.50 -32.62
CA GLY E 192 -5.07 0.78 -32.49
C GLY E 192 -5.94 -0.43 -32.76
N ASP E 193 -5.30 -1.53 -33.11
CA ASP E 193 -6.01 -2.77 -33.40
C ASP E 193 -6.40 -3.40 -32.09
N GLU E 194 -7.69 -3.65 -31.92
CA GLU E 194 -8.20 -4.28 -30.71
C GLU E 194 -7.82 -5.75 -30.71
N ILE E 195 -7.29 -6.21 -29.59
CA ILE E 195 -6.91 -7.58 -29.47
C ILE E 195 -7.66 -8.23 -28.31
N PHE E 196 -7.96 -9.51 -28.48
CA PHE E 196 -8.65 -10.28 -27.46
C PHE E 196 -7.62 -11.29 -27.00
N LEU E 197 -7.11 -11.11 -25.79
CA LEU E 197 -6.12 -12.02 -25.27
C LEU E 197 -6.69 -12.87 -24.13
N LEU E 198 -6.50 -14.17 -24.23
CA LEU E 198 -6.97 -15.10 -23.22
C LEU E 198 -5.76 -15.43 -22.39
N CYS E 199 -5.88 -15.26 -21.08
CA CYS E 199 -4.75 -15.51 -20.20
C CYS E 199 -5.13 -16.27 -18.94
N ASP E 200 -4.11 -16.72 -18.23
CA ASP E 200 -4.31 -17.43 -16.97
C ASP E 200 -4.57 -16.33 -15.96
N LYS E 201 -5.39 -16.62 -14.95
CA LYS E 201 -5.76 -15.63 -13.95
C LYS E 201 -4.75 -14.52 -13.69
N VAL E 202 -5.22 -13.28 -13.86
CA VAL E 202 -4.42 -12.09 -13.62
C VAL E 202 -5.28 -11.14 -12.82
N GLN E 203 -4.64 -10.26 -12.05
CA GLN E 203 -5.39 -9.30 -11.26
C GLN E 203 -5.42 -8.00 -12.07
N LYS E 204 -6.60 -7.61 -12.51
CA LYS E 204 -6.74 -6.40 -13.29
C LYS E 204 -5.99 -5.23 -12.70
N GLU E 205 -6.17 -4.99 -11.41
CA GLU E 205 -5.52 -3.88 -10.74
C GLU E 205 -4.00 -3.88 -10.97
N ASP E 206 -3.42 -5.04 -11.22
CA ASP E 206 -1.97 -5.13 -11.39
C ASP E 206 -1.53 -5.98 -12.59
N ILE E 207 -1.73 -5.47 -13.79
CA ILE E 207 -1.38 -6.24 -14.98
C ILE E 207 -1.18 -5.33 -16.19
N GLU E 208 -0.35 -5.75 -17.13
CA GLU E 208 -0.15 -5.00 -18.35
C GLU E 208 0.32 -5.85 -19.51
N VAL E 209 0.04 -5.38 -20.72
CA VAL E 209 0.43 -6.09 -21.92
C VAL E 209 1.68 -5.40 -22.42
N TYR E 210 2.82 -6.06 -22.30
CA TYR E 210 4.10 -5.49 -22.70
C TYR E 210 4.61 -5.84 -24.10
N PHE E 211 4.89 -4.81 -24.89
CA PHE E 211 5.40 -4.95 -26.26
C PHE E 211 6.89 -4.53 -26.39
N THR E 212 7.78 -5.52 -26.48
CA THR E 212 9.22 -5.25 -26.59
C THR E 212 9.61 -4.93 -28.03
N GLY E 213 10.87 -5.17 -28.34
CA GLY E 213 11.36 -4.90 -29.69
C GLY E 213 12.55 -3.95 -29.65
N PRO E 214 13.70 -4.34 -30.26
CA PRO E 214 14.93 -3.54 -30.30
C PRO E 214 14.70 -2.03 -30.34
N GLY E 215 15.14 -1.35 -29.29
CA GLY E 215 14.99 0.09 -29.24
C GLY E 215 13.57 0.63 -29.15
N TRP E 216 12.59 -0.26 -29.04
CA TRP E 216 11.19 0.13 -28.93
C TRP E 216 10.56 -0.59 -27.76
N GLU E 217 9.79 0.15 -26.98
CA GLU E 217 9.09 -0.41 -25.82
C GLU E 217 7.81 0.34 -25.52
N ALA E 218 6.70 -0.40 -25.46
CA ALA E 218 5.39 0.20 -25.19
C ALA E 218 4.42 -0.85 -24.67
N ARG E 219 3.26 -0.42 -24.20
CA ARG E 219 2.26 -1.37 -23.75
C ARG E 219 0.88 -1.14 -24.37
N GLY E 220 0.11 -2.22 -24.50
CA GLY E 220 -1.23 -2.12 -25.06
C GLY E 220 -2.17 -1.29 -24.19
N SER E 221 -3.11 -0.58 -24.82
CA SER E 221 -4.04 0.26 -24.07
C SER E 221 -5.33 -0.45 -23.72
N PHE E 222 -5.60 -0.58 -22.43
CA PHE E 222 -6.85 -1.17 -22.01
C PHE E 222 -7.25 -0.58 -20.67
N SER E 223 -8.23 -1.18 -20.02
CA SER E 223 -8.67 -0.67 -18.74
C SER E 223 -9.25 -1.79 -17.92
N GLN E 224 -9.33 -1.57 -16.62
CA GLN E 224 -9.88 -2.57 -15.72
C GLN E 224 -11.12 -3.23 -16.32
N ALA E 225 -12.05 -2.40 -16.78
CA ALA E 225 -13.31 -2.88 -17.37
C ALA E 225 -13.11 -3.81 -18.54
N ASP E 226 -11.92 -3.81 -19.09
CA ASP E 226 -11.61 -4.63 -20.23
C ASP E 226 -11.01 -5.99 -19.85
N VAL E 227 -10.70 -6.18 -18.58
CA VAL E 227 -10.17 -7.48 -18.19
C VAL E 227 -11.39 -8.27 -17.76
N HIS E 228 -11.59 -9.43 -18.34
CA HIS E 228 -12.75 -10.24 -18.02
C HIS E 228 -12.48 -11.39 -17.06
N ARG E 229 -13.16 -11.35 -15.91
CA ARG E 229 -13.02 -12.37 -14.88
C ARG E 229 -11.61 -12.94 -14.80
N GLN E 230 -10.63 -12.05 -14.79
CA GLN E 230 -9.21 -12.39 -14.69
C GLN E 230 -8.59 -13.33 -15.73
N VAL E 231 -9.32 -13.67 -16.79
CA VAL E 231 -8.78 -14.60 -17.76
C VAL E 231 -8.79 -14.10 -19.20
N ALA E 232 -8.99 -12.81 -19.35
CA ALA E 232 -9.05 -12.23 -20.68
C ALA E 232 -8.86 -10.74 -20.60
N ILE E 233 -8.18 -10.21 -21.61
CA ILE E 233 -7.92 -8.79 -21.68
C ILE E 233 -8.21 -8.35 -23.09
N VAL E 234 -9.05 -7.32 -23.22
CA VAL E 234 -9.39 -6.76 -24.52
C VAL E 234 -8.66 -5.42 -24.55
N PHE E 235 -7.53 -5.36 -25.25
CA PHE E 235 -6.77 -4.13 -25.30
C PHE E 235 -6.51 -3.68 -26.73
N ARG E 236 -6.13 -2.42 -26.88
CA ARG E 236 -5.85 -1.85 -28.19
C ARG E 236 -4.34 -1.84 -28.34
N THR E 237 -3.86 -2.14 -29.53
CA THR E 237 -2.42 -2.18 -29.83
C THR E 237 -1.72 -0.82 -29.84
N PRO E 238 -0.45 -0.79 -29.41
CA PRO E 238 0.38 0.42 -29.36
C PRO E 238 1.03 0.80 -30.72
N PRO E 239 1.23 2.10 -30.97
CA PRO E 239 1.83 2.53 -32.24
C PRO E 239 3.23 1.96 -32.27
N TYR E 240 3.74 1.69 -33.47
CA TYR E 240 5.10 1.19 -33.59
C TYR E 240 5.96 2.41 -33.81
N ALA E 241 7.26 2.28 -33.54
CA ALA E 241 8.20 3.38 -33.70
C ALA E 241 8.13 4.04 -35.09
N ASP E 242 8.06 3.19 -36.11
CA ASP E 242 8.02 3.61 -37.52
C ASP E 242 6.58 3.73 -38.04
N PRO E 243 5.97 4.93 -37.95
CA PRO E 243 4.60 5.18 -38.42
C PRO E 243 4.43 5.12 -39.93
N SER E 244 5.28 4.33 -40.58
CA SER E 244 5.26 4.16 -42.03
C SER E 244 6.22 3.04 -42.40
N LEU E 245 6.11 1.93 -41.66
CA LEU E 245 6.95 0.75 -41.86
C LEU E 245 6.96 0.42 -43.35
N GLN E 246 7.99 -0.31 -43.77
CA GLN E 246 8.12 -0.67 -45.18
C GLN E 246 8.02 -2.18 -45.40
N ALA E 247 8.19 -2.94 -44.33
CA ALA E 247 8.13 -4.40 -44.38
C ALA E 247 7.79 -4.91 -43.00
N PRO E 248 7.13 -6.08 -42.93
CA PRO E 248 6.75 -6.66 -41.65
C PRO E 248 7.87 -6.73 -40.60
N VAL E 249 7.54 -6.29 -39.39
CA VAL E 249 8.47 -6.30 -38.26
C VAL E 249 7.88 -7.24 -37.22
N ARG E 250 8.62 -8.29 -36.86
CA ARG E 250 8.13 -9.26 -35.88
C ARG E 250 8.57 -8.96 -34.44
N VAL E 251 7.79 -8.13 -33.76
CA VAL E 251 8.06 -7.76 -32.39
C VAL E 251 7.58 -8.81 -31.43
N SER E 252 7.76 -8.57 -30.14
CA SER E 252 7.34 -9.54 -29.14
C SER E 252 6.36 -8.93 -28.15
N MET E 253 5.43 -9.76 -27.67
CA MET E 253 4.47 -9.29 -26.70
C MET E 253 4.35 -10.32 -25.58
N GLN E 254 4.36 -9.82 -24.36
CA GLN E 254 4.25 -10.68 -23.19
C GLN E 254 3.46 -9.96 -22.10
N LEU E 255 2.85 -10.75 -21.23
CA LEU E 255 2.09 -10.21 -20.11
C LEU E 255 3.07 -9.73 -19.05
N ARG E 256 2.83 -8.54 -18.51
CA ARG E 256 3.69 -7.99 -17.47
C ARG E 256 2.94 -7.62 -16.22
N ARG E 257 3.46 -8.06 -15.08
CA ARG E 257 2.89 -7.73 -13.78
C ARG E 257 3.88 -6.79 -13.10
N PRO E 258 3.50 -5.51 -12.96
CA PRO E 258 4.36 -4.53 -12.33
C PRO E 258 4.87 -4.92 -10.95
N SER E 259 3.95 -5.13 -10.03
CA SER E 259 4.31 -5.47 -8.65
C SER E 259 5.62 -6.23 -8.51
N ASP E 260 5.69 -7.45 -9.04
CA ASP E 260 6.91 -8.25 -8.95
C ASP E 260 7.75 -8.15 -10.22
N ARG E 261 7.47 -7.14 -11.02
CA ARG E 261 8.17 -6.92 -12.28
C ARG E 261 8.37 -8.16 -13.15
N GLU E 262 7.47 -9.14 -13.06
CA GLU E 262 7.68 -10.31 -13.90
C GLU E 262 6.93 -10.28 -15.22
N LEU E 263 7.38 -11.12 -16.15
CA LEU E 263 6.82 -11.17 -17.49
C LEU E 263 6.46 -12.58 -17.95
N SER E 264 5.49 -12.67 -18.85
CA SER E 264 5.06 -13.95 -19.38
C SER E 264 6.00 -14.31 -20.51
N GLU E 265 5.89 -15.54 -21.00
CA GLU E 265 6.70 -15.98 -22.13
C GLU E 265 6.32 -15.10 -23.29
N PRO E 266 7.31 -14.69 -24.11
CA PRO E 266 7.02 -13.83 -25.25
C PRO E 266 6.15 -14.49 -26.31
N MET E 267 5.38 -13.69 -27.04
CA MET E 267 4.54 -14.21 -28.09
C MET E 267 4.70 -13.35 -29.33
N GLU E 268 4.93 -14.02 -30.45
CA GLU E 268 5.13 -13.35 -31.72
C GLU E 268 3.95 -12.47 -32.11
N PHE E 269 4.28 -11.27 -32.59
CA PHE E 269 3.30 -10.30 -33.06
C PHE E 269 4.03 -9.49 -34.12
N GLN E 270 3.43 -9.33 -35.30
CA GLN E 270 4.08 -8.66 -36.41
C GLN E 270 3.44 -7.39 -36.91
N TYR E 271 4.09 -6.25 -36.68
CA TYR E 271 3.52 -5.01 -37.16
C TYR E 271 3.66 -4.91 -38.68
N LEU E 272 2.54 -4.71 -39.36
CA LEU E 272 2.52 -4.62 -40.80
C LEU E 272 2.52 -3.18 -41.28
N PRO E 273 3.01 -2.94 -42.51
CA PRO E 273 3.01 -1.57 -43.01
C PRO E 273 1.63 -0.96 -43.04
N ASP E 274 1.58 0.34 -42.79
CA ASP E 274 0.38 1.19 -42.74
C ASP E 274 -0.99 0.58 -43.02
N MET F 1 -62.26 -29.51 0.36
CA MET F 1 -62.22 -28.82 1.69
C MET F 1 -62.60 -27.36 1.52
N GLY F 2 -62.26 -26.80 0.36
CA GLY F 2 -62.57 -25.40 0.10
C GLY F 2 -61.31 -24.56 0.16
N PRO F 3 -60.87 -24.17 1.36
CA PRO F 3 -59.67 -23.35 1.56
C PRO F 3 -58.36 -24.15 1.41
N TYR F 4 -57.53 -23.75 0.46
CA TYR F 4 -56.24 -24.41 0.21
C TYR F 4 -55.19 -23.34 -0.04
N LEU F 5 -54.09 -23.71 -0.70
CA LEU F 5 -53.04 -22.75 -1.00
C LEU F 5 -52.77 -22.54 -2.49
N GLN F 6 -53.10 -21.32 -2.93
CA GLN F 6 -52.94 -20.89 -4.32
C GLN F 6 -51.73 -19.96 -4.45
N ILE F 7 -50.79 -20.32 -5.32
CA ILE F 7 -49.59 -19.53 -5.55
C ILE F 7 -49.84 -18.59 -6.71
N LEU F 8 -50.33 -17.39 -6.43
CA LEU F 8 -50.64 -16.40 -7.47
C LEU F 8 -49.43 -15.86 -8.25
N GLU F 9 -48.23 -16.11 -7.72
CA GLU F 9 -46.99 -15.68 -8.36
C GLU F 9 -45.84 -16.52 -7.78
N GLN F 10 -44.69 -16.52 -8.43
CA GLN F 10 -43.54 -17.30 -7.98
C GLN F 10 -42.23 -16.57 -8.29
N PRO F 11 -41.10 -17.06 -7.73
CA PRO F 11 -39.82 -16.41 -7.99
C PRO F 11 -39.51 -16.46 -9.49
N LYS F 12 -38.27 -16.16 -9.88
CA LYS F 12 -37.91 -16.18 -11.29
C LYS F 12 -37.29 -17.53 -11.67
N GLN F 13 -37.26 -18.44 -10.70
CA GLN F 13 -36.73 -19.80 -10.87
C GLN F 13 -35.22 -19.82 -11.00
N ARG F 14 -34.67 -18.77 -11.60
CA ARG F 14 -33.23 -18.67 -11.78
C ARG F 14 -32.77 -17.22 -11.83
N GLY F 15 -31.91 -16.85 -10.87
CA GLY F 15 -31.41 -15.50 -10.81
C GLY F 15 -30.73 -15.17 -9.49
N PHE F 16 -31.34 -15.61 -8.40
CA PHE F 16 -30.79 -15.34 -7.07
C PHE F 16 -29.70 -16.33 -6.66
N ARG F 17 -28.72 -15.79 -5.97
CA ARG F 17 -27.59 -16.55 -5.45
C ARG F 17 -27.89 -16.91 -4.00
N PHE F 18 -28.41 -18.10 -3.76
CA PHE F 18 -28.74 -18.52 -2.40
C PHE F 18 -27.51 -18.34 -1.52
N ARG F 19 -27.56 -17.33 -0.65
CA ARG F 19 -26.43 -17.05 0.22
C ARG F 19 -26.27 -18.05 1.36
N TYR F 20 -25.04 -18.20 1.83
CA TYR F 20 -24.71 -19.13 2.89
C TYR F 20 -24.61 -18.44 4.25
N VAL F 21 -24.05 -19.14 5.24
CA VAL F 21 -23.90 -18.59 6.58
C VAL F 21 -22.80 -17.54 6.70
N CYS F 22 -21.58 -17.88 6.26
CA CYS F 22 -20.47 -16.94 6.36
C CYS F 22 -20.32 -16.05 5.14
N GLU F 23 -21.43 -15.55 4.62
CA GLU F 23 -21.38 -14.67 3.46
C GLU F 23 -21.83 -13.27 3.89
N GLY F 24 -22.40 -13.17 5.08
CA GLY F 24 -22.85 -11.88 5.58
C GLY F 24 -24.35 -11.79 5.79
N PRO F 25 -24.82 -10.76 6.51
CA PRO F 25 -26.23 -10.51 6.80
C PRO F 25 -27.07 -10.01 5.63
N SER F 26 -28.19 -10.69 5.39
CA SER F 26 -29.13 -10.37 4.32
C SER F 26 -28.63 -9.38 3.29
N HIS F 27 -27.78 -9.85 2.38
CA HIS F 27 -27.22 -9.02 1.32
C HIS F 27 -28.15 -9.06 0.10
N GLY F 28 -29.44 -9.22 0.36
CA GLY F 28 -30.43 -9.28 -0.71
C GLY F 28 -31.69 -10.05 -0.39
N GLY F 29 -32.37 -10.53 -1.43
CA GLY F 29 -33.60 -11.29 -1.25
C GLY F 29 -34.01 -12.13 -2.45
N LEU F 30 -35.15 -12.82 -2.33
CA LEU F 30 -35.68 -13.66 -3.40
C LEU F 30 -36.78 -12.95 -4.19
N PRO F 31 -36.41 -12.30 -5.31
CA PRO F 31 -37.39 -11.59 -6.13
C PRO F 31 -38.50 -12.52 -6.63
N GLY F 32 -39.07 -12.18 -7.78
CA GLY F 32 -40.13 -12.98 -8.35
C GLY F 32 -40.21 -12.82 -9.86
N ALA F 33 -40.88 -13.76 -10.52
CA ALA F 33 -41.04 -13.72 -11.97
C ALA F 33 -41.82 -12.48 -12.37
N SER F 34 -41.16 -11.34 -12.31
CA SER F 34 -41.77 -10.06 -12.64
C SER F 34 -40.67 -9.01 -12.63
N SER F 35 -40.24 -8.59 -13.82
CA SER F 35 -39.19 -7.59 -13.97
C SER F 35 -39.76 -6.20 -13.76
N GLU F 36 -40.84 -5.90 -14.46
CA GLU F 36 -41.54 -4.61 -14.36
C GLU F 36 -40.73 -3.40 -14.81
N LYS F 37 -39.42 -3.41 -14.54
CA LYS F 37 -38.51 -2.31 -14.89
C LYS F 37 -38.46 -1.23 -13.80
N ASN F 38 -39.62 -0.86 -13.27
CA ASN F 38 -39.71 0.14 -12.20
C ASN F 38 -39.67 -0.58 -10.85
N LYS F 39 -40.73 -1.32 -10.54
CA LYS F 39 -40.82 -2.07 -9.29
C LYS F 39 -40.54 -3.55 -9.55
N LYS F 40 -40.80 -4.39 -8.56
CA LYS F 40 -40.57 -5.82 -8.69
C LYS F 40 -41.63 -6.62 -7.93
N SER F 41 -41.36 -7.91 -7.70
CA SER F 41 -42.30 -8.79 -7.00
C SER F 41 -41.64 -10.00 -6.29
N TYR F 42 -42.23 -10.41 -5.17
CA TYR F 42 -41.74 -11.56 -4.40
C TYR F 42 -42.78 -12.68 -4.49
N PRO F 43 -42.46 -13.88 -3.96
CA PRO F 43 -43.42 -14.99 -4.01
C PRO F 43 -44.68 -14.69 -3.21
N GLN F 44 -45.77 -14.42 -3.90
CA GLN F 44 -47.04 -14.10 -3.26
C GLN F 44 -47.99 -15.30 -3.37
N VAL F 45 -48.55 -15.72 -2.25
CA VAL F 45 -49.49 -16.84 -2.22
C VAL F 45 -50.82 -16.37 -1.65
N LYS F 46 -51.88 -17.13 -1.86
CA LYS F 46 -53.19 -16.74 -1.33
C LYS F 46 -54.05 -17.96 -1.06
N ILE F 47 -55.21 -17.75 -0.44
CA ILE F 47 -56.12 -18.84 -0.16
C ILE F 47 -57.50 -18.57 -0.76
N CYS F 48 -57.93 -19.52 -1.58
CA CYS F 48 -59.20 -19.45 -2.29
C CYS F 48 -60.29 -20.25 -1.57
N ASN F 49 -61.53 -19.79 -1.66
CA ASN F 49 -62.66 -20.45 -1.00
C ASN F 49 -62.20 -20.61 0.46
N TYR F 50 -61.42 -19.62 0.90
CA TYR F 50 -60.85 -19.59 2.25
C TYR F 50 -61.83 -19.52 3.40
N VAL F 51 -61.28 -19.41 4.61
CA VAL F 51 -62.08 -19.32 5.82
C VAL F 51 -61.90 -17.92 6.43
N GLY F 52 -61.70 -17.84 7.74
CA GLY F 52 -61.50 -16.55 8.37
C GLY F 52 -60.01 -16.31 8.55
N PRO F 53 -59.55 -16.04 9.77
CA PRO F 53 -58.11 -15.82 9.94
C PRO F 53 -57.42 -17.16 9.69
N ALA F 54 -56.13 -17.12 9.39
CA ALA F 54 -55.38 -18.35 9.13
C ALA F 54 -53.90 -18.02 9.01
N LYS F 55 -53.05 -18.95 9.43
CA LYS F 55 -51.61 -18.74 9.36
C LYS F 55 -50.94 -19.80 8.49
N VAL F 56 -50.30 -19.34 7.42
CA VAL F 56 -49.61 -20.22 6.48
C VAL F 56 -48.11 -20.31 6.78
N ILE F 57 -47.56 -21.50 6.68
CA ILE F 57 -46.14 -21.74 6.94
C ILE F 57 -45.43 -22.12 5.64
N VAL F 58 -44.11 -22.04 5.62
CA VAL F 58 -43.34 -22.39 4.44
C VAL F 58 -42.00 -23.05 4.77
N GLN F 59 -41.80 -24.26 4.26
CA GLN F 59 -40.56 -25.00 4.49
C GLN F 59 -39.86 -25.36 3.18
N LEU F 60 -38.53 -25.21 3.17
CA LEU F 60 -37.75 -25.52 1.98
C LEU F 60 -37.74 -27.02 1.75
N VAL F 61 -38.28 -27.45 0.61
CA VAL F 61 -38.34 -28.87 0.29
C VAL F 61 -37.34 -29.24 -0.79
N THR F 62 -37.04 -30.53 -0.91
CA THR F 62 -36.10 -30.98 -1.92
C THR F 62 -36.82 -31.32 -3.24
N ASN F 63 -36.18 -30.96 -4.34
CA ASN F 63 -36.73 -31.23 -5.67
C ASN F 63 -36.94 -32.72 -5.82
N GLY F 64 -35.87 -33.43 -6.19
CA GLY F 64 -35.90 -34.87 -6.35
C GLY F 64 -37.18 -35.57 -6.77
N LYS F 65 -37.22 -36.89 -6.53
CA LYS F 65 -38.36 -37.72 -6.88
C LYS F 65 -39.31 -37.89 -5.69
N ASN F 66 -38.75 -37.94 -4.48
CA ASN F 66 -39.54 -38.10 -3.29
C ASN F 66 -39.40 -36.89 -2.37
N ILE F 67 -40.39 -36.01 -2.43
CA ILE F 67 -40.40 -34.78 -1.64
C ILE F 67 -40.13 -35.00 -0.15
N HIS F 68 -39.07 -34.37 0.35
CA HIS F 68 -38.71 -34.46 1.75
C HIS F 68 -38.06 -33.16 2.25
N LEU F 69 -37.81 -33.08 3.56
CA LEU F 69 -37.21 -31.88 4.14
C LEU F 69 -35.85 -31.59 3.54
N HIS F 70 -35.59 -30.32 3.25
CA HIS F 70 -34.32 -29.89 2.68
C HIS F 70 -33.46 -29.27 3.78
N ALA F 71 -32.17 -29.58 3.74
CA ALA F 71 -31.22 -29.08 4.74
C ALA F 71 -31.18 -27.55 4.86
N HIS F 72 -31.21 -26.87 3.72
CA HIS F 72 -31.14 -25.42 3.73
C HIS F 72 -32.33 -24.78 4.45
N SER F 73 -32.12 -23.57 4.97
CA SER F 73 -33.17 -22.90 5.71
C SER F 73 -33.50 -21.50 5.21
N LEU F 74 -34.77 -21.13 5.33
CA LEU F 74 -35.21 -19.81 4.92
C LEU F 74 -34.84 -18.87 6.06
N VAL F 75 -34.59 -17.61 5.75
CA VAL F 75 -34.22 -16.65 6.78
C VAL F 75 -34.95 -15.31 6.65
N GLY F 76 -35.02 -14.58 7.76
CA GLY F 76 -35.68 -13.30 7.78
C GLY F 76 -37.16 -13.40 8.10
N LYS F 77 -37.91 -12.40 7.65
CA LYS F 77 -39.35 -12.32 7.86
C LYS F 77 -39.84 -13.06 9.09
N HIS F 78 -40.93 -13.80 8.92
CA HIS F 78 -41.54 -14.56 10.00
C HIS F 78 -40.92 -15.95 10.06
N CYS F 79 -39.66 -16.05 9.63
CA CYS F 79 -38.98 -17.34 9.63
C CYS F 79 -38.26 -17.59 10.94
N GLU F 80 -38.20 -18.87 11.31
CA GLU F 80 -37.51 -19.33 12.50
C GLU F 80 -37.30 -20.84 12.31
N ASP F 81 -36.05 -21.26 12.37
CA ASP F 81 -35.71 -22.67 12.14
C ASP F 81 -35.97 -23.02 10.68
N GLY F 82 -35.65 -22.08 9.79
CA GLY F 82 -35.83 -22.30 8.36
C GLY F 82 -37.26 -22.31 7.86
N VAL F 83 -38.21 -22.14 8.77
CA VAL F 83 -39.63 -22.14 8.39
C VAL F 83 -40.33 -20.83 8.75
N CYS F 84 -40.76 -20.10 7.72
CA CYS F 84 -41.45 -18.83 7.93
C CYS F 84 -42.90 -19.10 8.31
N THR F 85 -43.38 -18.33 9.29
CA THR F 85 -44.75 -18.47 9.78
C THR F 85 -45.46 -17.14 9.63
N VAL F 86 -46.35 -17.03 8.66
CA VAL F 86 -47.09 -15.80 8.43
C VAL F 86 -48.57 -15.94 8.81
N THR F 87 -49.17 -14.83 9.24
CA THR F 87 -50.56 -14.80 9.63
C THR F 87 -51.46 -14.38 8.47
N ALA F 88 -51.60 -13.07 8.29
CA ALA F 88 -52.42 -12.50 7.24
C ALA F 88 -53.81 -13.14 7.20
N GLY F 89 -54.49 -13.12 8.34
CA GLY F 89 -55.81 -13.70 8.41
C GLY F 89 -56.92 -12.67 8.60
N PRO F 90 -56.73 -11.39 8.18
CA PRO F 90 -57.80 -10.41 8.37
C PRO F 90 -59.02 -10.75 7.50
N LYS F 91 -59.27 -9.92 6.50
CA LYS F 91 -60.40 -10.12 5.60
C LYS F 91 -59.94 -11.01 4.45
N ASP F 92 -58.83 -10.62 3.83
CA ASP F 92 -58.26 -11.35 2.68
C ASP F 92 -57.24 -12.38 3.17
N MET F 93 -57.14 -13.49 2.45
CA MET F 93 -56.19 -14.55 2.82
C MET F 93 -55.03 -14.63 1.82
N VAL F 94 -54.63 -13.47 1.30
CA VAL F 94 -53.51 -13.38 0.37
C VAL F 94 -52.29 -12.92 1.16
N VAL F 95 -51.27 -13.77 1.23
CA VAL F 95 -50.05 -13.48 1.98
C VAL F 95 -48.81 -13.43 1.07
N GLY F 96 -48.10 -12.30 1.08
CA GLY F 96 -46.90 -12.17 0.27
C GLY F 96 -45.63 -12.38 1.09
N PHE F 97 -44.77 -13.26 0.62
CA PHE F 97 -43.51 -13.56 1.30
C PHE F 97 -42.35 -12.80 0.67
N ALA F 98 -42.08 -11.60 1.19
CA ALA F 98 -41.00 -10.75 0.68
C ALA F 98 -39.74 -10.77 1.55
N ASN F 99 -38.62 -10.47 0.90
CA ASN F 99 -37.30 -10.43 1.53
C ASN F 99 -37.01 -11.70 2.32
N LEU F 100 -37.03 -12.82 1.60
CA LEU F 100 -36.76 -14.15 2.15
C LEU F 100 -35.37 -14.58 1.69
N GLY F 101 -34.58 -15.10 2.63
CA GLY F 101 -33.25 -15.55 2.30
C GLY F 101 -33.15 -17.07 2.40
N ILE F 102 -32.18 -17.63 1.71
CA ILE F 102 -31.97 -19.08 1.72
C ILE F 102 -30.54 -19.30 2.15
N LEU F 103 -30.35 -20.07 3.22
CA LEU F 103 -29.01 -20.34 3.69
C LEU F 103 -28.55 -21.71 3.23
N HIS F 104 -27.39 -21.75 2.60
CA HIS F 104 -26.85 -23.01 2.12
C HIS F 104 -26.05 -23.68 3.22
N VAL F 105 -26.26 -24.98 3.37
CA VAL F 105 -25.57 -25.75 4.40
C VAL F 105 -24.24 -26.31 3.90
N THR F 106 -23.33 -26.52 4.84
CA THR F 106 -22.02 -27.08 4.53
C THR F 106 -22.23 -28.46 3.94
N LYS F 107 -21.37 -28.87 3.02
CA LYS F 107 -21.49 -30.19 2.41
C LYS F 107 -21.30 -31.25 3.49
N LYS F 108 -20.95 -30.79 4.69
CA LYS F 108 -20.71 -31.64 5.84
C LYS F 108 -21.84 -31.49 6.88
N LYS F 109 -22.30 -30.25 7.06
CA LYS F 109 -23.36 -29.96 8.02
C LYS F 109 -24.75 -30.39 7.56
N VAL F 110 -24.82 -31.13 6.44
CA VAL F 110 -26.10 -31.58 5.92
C VAL F 110 -26.82 -32.50 6.91
N PHE F 111 -26.24 -33.67 7.09
CA PHE F 111 -26.73 -34.70 8.00
C PHE F 111 -27.15 -34.13 9.37
N GLU F 112 -26.21 -33.48 10.04
CA GLU F 112 -26.49 -32.90 11.35
C GLU F 112 -27.63 -31.87 11.29
N THR F 113 -27.62 -31.01 10.28
CA THR F 113 -28.66 -29.99 10.13
C THR F 113 -30.00 -30.64 9.76
N LEU F 114 -29.94 -31.66 8.92
CA LEU F 114 -31.14 -32.38 8.49
C LEU F 114 -31.86 -32.97 9.70
N GLU F 115 -31.16 -33.83 10.43
CA GLU F 115 -31.69 -34.49 11.63
C GLU F 115 -32.58 -33.56 12.45
N ALA F 116 -32.02 -32.42 12.85
CA ALA F 116 -32.73 -31.43 13.66
C ALA F 116 -33.98 -30.88 12.98
N ARG F 117 -33.86 -30.63 11.67
CA ARG F 117 -34.96 -30.10 10.88
C ARG F 117 -36.13 -31.07 10.96
N MET F 118 -35.79 -32.35 10.98
CA MET F 118 -36.77 -33.42 11.05
C MET F 118 -37.20 -33.66 12.48
N THR F 119 -37.09 -32.63 13.30
CA THR F 119 -37.49 -32.69 14.70
C THR F 119 -38.27 -31.43 15.02
N GLU F 120 -37.82 -30.32 14.44
CA GLU F 120 -38.49 -29.02 14.62
C GLU F 120 -39.88 -29.08 13.99
N ALA F 121 -40.05 -30.01 13.05
CA ALA F 121 -41.33 -30.19 12.38
C ALA F 121 -42.14 -31.33 13.00
N CYS F 122 -41.44 -32.38 13.44
CA CYS F 122 -42.10 -33.51 14.07
C CYS F 122 -42.82 -33.00 15.33
N ILE F 123 -42.04 -32.42 16.24
CA ILE F 123 -42.57 -31.88 17.48
C ILE F 123 -43.68 -30.85 17.21
N ARG F 124 -43.45 -29.98 16.24
CA ARG F 124 -44.45 -28.97 15.90
C ARG F 124 -45.56 -29.52 15.00
N GLY F 125 -46.56 -28.68 14.77
CA GLY F 125 -47.70 -29.07 13.96
C GLY F 125 -47.65 -28.70 12.49
N TYR F 126 -46.76 -29.35 11.75
CA TYR F 126 -46.60 -29.11 10.31
C TYR F 126 -45.64 -30.12 9.68
N ASN F 127 -46.03 -30.65 8.53
CA ASN F 127 -45.24 -31.63 7.79
C ASN F 127 -44.45 -32.56 8.71
N PRO F 128 -45.09 -33.64 9.18
CA PRO F 128 -44.46 -34.61 10.07
C PRO F 128 -43.72 -35.72 9.31
N GLY F 129 -44.43 -36.83 9.09
CA GLY F 129 -43.87 -37.96 8.38
C GLY F 129 -44.34 -37.95 6.94
N LEU F 130 -44.56 -36.76 6.41
CA LEU F 130 -45.01 -36.61 5.04
C LEU F 130 -43.95 -35.77 4.32
N LEU F 131 -42.75 -35.76 4.89
CA LEU F 131 -41.62 -35.01 4.33
C LEU F 131 -40.32 -35.55 4.95
N VAL F 132 -40.44 -36.68 5.65
CA VAL F 132 -39.30 -37.32 6.28
C VAL F 132 -39.42 -38.83 6.08
N HIS F 133 -40.35 -39.44 6.81
CA HIS F 133 -40.59 -40.89 6.71
C HIS F 133 -42.09 -41.16 6.88
N SER F 134 -42.67 -41.88 5.93
CA SER F 134 -44.09 -42.19 5.98
C SER F 134 -44.47 -43.28 6.99
N ASP F 135 -43.95 -43.15 8.21
CA ASP F 135 -44.24 -44.09 9.28
C ASP F 135 -44.74 -43.24 10.44
N LEU F 136 -44.63 -41.92 10.24
CA LEU F 136 -45.07 -40.94 11.22
C LEU F 136 -46.11 -40.06 10.54
N ALA F 137 -47.03 -40.71 9.83
CA ALA F 137 -48.10 -40.02 9.11
C ALA F 137 -48.89 -39.08 10.00
N TYR F 138 -48.61 -39.13 11.30
CA TYR F 138 -49.27 -38.27 12.28
C TYR F 138 -48.23 -37.51 13.08
N LEU F 139 -48.66 -36.92 14.20
CA LEU F 139 -47.77 -36.15 15.06
C LEU F 139 -47.55 -34.76 14.44
N GLN F 140 -48.59 -34.24 13.80
CA GLN F 140 -48.55 -32.91 13.17
C GLN F 140 -49.22 -31.92 14.12
N ALA F 141 -50.30 -31.29 13.68
CA ALA F 141 -51.03 -30.34 14.52
C ALA F 141 -51.96 -31.08 15.48
N GLU F 142 -51.41 -32.09 16.16
CA GLU F 142 -52.19 -32.90 17.09
C GLU F 142 -52.45 -32.13 18.37
N GLY F 143 -51.75 -31.00 18.52
CA GLY F 143 -51.93 -30.18 19.71
C GLY F 143 -51.03 -30.58 20.86
N GLY F 144 -50.31 -31.69 20.68
CA GLY F 144 -49.42 -32.16 21.72
C GLY F 144 -48.39 -31.12 22.14
N GLY F 145 -48.35 -30.82 23.44
CA GLY F 145 -47.42 -29.84 23.96
C GLY F 145 -46.00 -30.09 23.48
N ASP F 146 -45.65 -31.36 23.35
CA ASP F 146 -44.33 -31.79 22.87
C ASP F 146 -44.21 -33.31 22.98
N ARG F 147 -44.62 -34.01 21.92
CA ARG F 147 -44.57 -35.46 21.88
C ARG F 147 -43.15 -36.01 22.04
N GLN F 148 -42.93 -36.82 23.07
CA GLN F 148 -41.63 -37.42 23.31
C GLN F 148 -41.35 -38.48 22.26
N LEU F 149 -40.48 -38.14 21.31
CA LEU F 149 -40.11 -39.04 20.22
C LEU F 149 -39.27 -40.22 20.75
N THR F 150 -39.97 -41.25 21.23
CA THR F 150 -39.38 -42.48 21.76
C THR F 150 -38.01 -42.84 21.15
N ASP F 151 -37.16 -43.50 21.95
CA ASP F 151 -35.85 -43.93 21.45
C ASP F 151 -36.09 -44.81 20.23
N ARG F 152 -37.36 -45.10 19.96
CA ARG F 152 -37.78 -45.93 18.83
C ARG F 152 -38.22 -45.07 17.64
N GLU F 153 -39.09 -44.11 17.93
CA GLU F 153 -39.66 -43.19 16.95
C GLU F 153 -38.69 -42.08 16.55
N LYS F 154 -37.75 -41.79 17.44
CA LYS F 154 -36.77 -40.74 17.16
C LYS F 154 -35.69 -41.37 16.30
N GLU F 155 -35.62 -42.70 16.34
CA GLU F 155 -34.65 -43.44 15.57
C GLU F 155 -35.16 -43.62 14.14
N ILE F 156 -36.42 -43.23 13.94
CA ILE F 156 -37.04 -43.30 12.62
C ILE F 156 -36.57 -42.04 11.88
N ILE F 157 -36.64 -40.91 12.57
CA ILE F 157 -36.21 -39.64 11.99
C ILE F 157 -34.71 -39.74 11.72
N ARG F 158 -34.00 -40.50 12.55
CA ARG F 158 -32.57 -40.70 12.38
C ARG F 158 -32.29 -41.41 11.07
N GLN F 159 -32.88 -42.59 10.88
CA GLN F 159 -32.68 -43.37 9.67
C GLN F 159 -33.09 -42.60 8.42
N ALA F 160 -34.08 -41.72 8.55
CA ALA F 160 -34.54 -40.91 7.44
C ALA F 160 -33.53 -39.80 7.22
N ALA F 161 -33.06 -39.23 8.32
CA ALA F 161 -32.08 -38.16 8.30
C ALA F 161 -30.68 -38.74 8.04
N VAL F 162 -30.64 -39.97 7.54
CA VAL F 162 -29.37 -40.62 7.22
C VAL F 162 -29.34 -41.01 5.74
N GLN F 163 -30.42 -41.61 5.27
CA GLN F 163 -30.48 -41.99 3.87
C GLN F 163 -30.65 -40.76 3.00
N GLN F 164 -31.52 -39.85 3.44
CA GLN F 164 -31.78 -38.64 2.67
C GLN F 164 -30.59 -37.68 2.62
N THR F 165 -29.57 -37.98 3.42
CA THR F 165 -28.34 -37.17 3.46
C THR F 165 -27.50 -37.42 2.22
N LYS F 166 -27.64 -38.61 1.64
CA LYS F 166 -26.88 -38.98 0.45
C LYS F 166 -27.60 -38.68 -0.87
N GLU F 167 -28.89 -38.35 -0.78
CA GLU F 167 -29.68 -38.04 -1.98
C GLU F 167 -29.72 -36.53 -2.19
N MET F 168 -29.70 -35.80 -1.09
CA MET F 168 -29.76 -34.34 -1.08
C MET F 168 -29.01 -33.64 -2.21
N ASP F 169 -29.64 -32.60 -2.72
CA ASP F 169 -29.12 -31.77 -3.81
C ASP F 169 -29.02 -30.33 -3.30
N LEU F 170 -27.83 -29.95 -2.86
CA LEU F 170 -27.58 -28.61 -2.30
C LEU F 170 -27.76 -27.41 -3.23
N SER F 171 -27.90 -27.65 -4.53
CA SER F 171 -28.05 -26.53 -5.47
C SER F 171 -29.47 -26.16 -5.87
N VAL F 172 -30.43 -27.05 -5.62
CA VAL F 172 -31.81 -26.75 -5.99
C VAL F 172 -32.73 -26.93 -4.79
N VAL F 173 -33.76 -26.08 -4.70
CA VAL F 173 -34.72 -26.16 -3.60
C VAL F 173 -36.09 -25.66 -4.03
N ARG F 174 -37.13 -26.12 -3.33
CA ARG F 174 -38.49 -25.73 -3.64
C ARG F 174 -39.24 -25.27 -2.39
N LEU F 175 -40.05 -24.22 -2.55
CA LEU F 175 -40.82 -23.70 -1.44
C LEU F 175 -42.10 -24.52 -1.27
N MET F 176 -42.41 -24.85 -0.02
CA MET F 176 -43.61 -25.61 0.29
C MET F 176 -44.52 -24.70 1.12
N PHE F 177 -45.78 -24.60 0.71
CA PHE F 177 -46.74 -23.76 1.41
C PHE F 177 -47.81 -24.62 2.07
N THR F 178 -47.91 -24.51 3.39
CA THR F 178 -48.90 -25.25 4.19
C THR F 178 -49.64 -24.25 5.07
N ALA F 179 -50.95 -24.12 4.87
CA ALA F 179 -51.74 -23.19 5.65
C ALA F 179 -52.73 -23.92 6.55
N PHE F 180 -52.77 -23.51 7.82
CA PHE F 180 -53.70 -24.11 8.76
C PHE F 180 -54.78 -23.12 9.20
N LEU F 181 -56.02 -23.58 9.23
CA LEU F 181 -57.14 -22.73 9.61
C LEU F 181 -57.48 -22.92 11.09
N PRO F 182 -58.35 -22.05 11.63
CA PRO F 182 -58.73 -22.16 13.05
C PRO F 182 -59.47 -23.46 13.36
N ASP F 183 -59.64 -23.75 14.64
CA ASP F 183 -60.36 -24.94 15.09
C ASP F 183 -60.42 -25.02 16.61
N SER F 184 -61.64 -24.93 17.12
CA SER F 184 -61.89 -24.97 18.56
C SER F 184 -61.14 -23.85 19.28
N THR F 185 -61.87 -22.78 19.59
CA THR F 185 -61.33 -21.61 20.27
C THR F 185 -60.57 -20.66 19.33
N GLY F 186 -59.36 -21.03 18.94
CA GLY F 186 -58.60 -20.16 18.07
C GLY F 186 -57.34 -20.80 17.53
N SER F 187 -56.92 -21.90 18.16
CA SER F 187 -55.72 -22.60 17.73
C SER F 187 -55.85 -23.11 16.30
N PHE F 188 -54.76 -23.08 15.56
CA PHE F 188 -54.74 -23.53 14.17
C PHE F 188 -54.30 -24.98 14.00
N THR F 189 -55.24 -25.91 14.18
CA THR F 189 -54.97 -27.35 14.07
C THR F 189 -54.96 -27.86 12.63
N ARG F 190 -56.13 -27.85 12.01
CA ARG F 190 -56.37 -28.30 10.64
C ARG F 190 -55.53 -27.60 9.59
N ARG F 191 -55.01 -28.38 8.65
CA ARG F 191 -54.18 -27.84 7.57
C ARG F 191 -54.78 -28.06 6.18
N LEU F 192 -54.51 -27.09 5.29
CA LEU F 192 -55.00 -27.15 3.92
C LEU F 192 -53.92 -27.78 3.03
N GLU F 193 -54.35 -28.55 2.05
CA GLU F 193 -53.46 -29.22 1.09
C GLU F 193 -52.19 -28.41 0.82
N PRO F 194 -51.03 -28.86 1.34
CA PRO F 194 -49.76 -28.15 1.12
C PRO F 194 -49.40 -28.19 -0.37
N VAL F 195 -48.92 -27.06 -0.89
CA VAL F 195 -48.56 -26.99 -2.31
C VAL F 195 -47.13 -26.51 -2.56
N VAL F 196 -46.36 -27.29 -3.31
CA VAL F 196 -44.97 -26.96 -3.63
C VAL F 196 -44.93 -26.09 -4.89
N SER F 197 -43.99 -25.16 -4.94
CA SER F 197 -43.87 -24.29 -6.11
C SER F 197 -42.78 -24.87 -7.02
N ASP F 198 -42.18 -24.03 -7.86
CA ASP F 198 -41.13 -24.50 -8.75
C ASP F 198 -39.79 -24.46 -8.03
N ALA F 199 -38.73 -24.85 -8.73
CA ALA F 199 -37.39 -24.85 -8.14
C ALA F 199 -36.75 -23.48 -8.33
N ILE F 200 -35.92 -23.06 -7.38
CA ILE F 200 -35.29 -21.76 -7.51
C ILE F 200 -33.82 -21.80 -7.90
N TYR F 201 -33.25 -23.00 -7.98
CA TYR F 201 -31.85 -23.22 -8.35
C TYR F 201 -30.86 -22.09 -7.97
N ASP F 202 -29.92 -22.44 -7.10
CA ASP F 202 -28.90 -21.51 -6.63
C ASP F 202 -28.16 -20.84 -7.79
N SER F 203 -27.80 -19.57 -7.62
CA SER F 203 -27.10 -18.86 -8.69
C SER F 203 -25.65 -19.31 -8.72
N LYS F 204 -25.06 -19.49 -7.55
CA LYS F 204 -23.67 -19.94 -7.44
C LYS F 204 -23.54 -21.39 -7.90
N ALA F 205 -24.46 -21.81 -8.76
CA ALA F 205 -24.48 -23.16 -9.32
C ALA F 205 -24.21 -23.06 -10.82
N PRO F 206 -23.02 -23.54 -11.26
CA PRO F 206 -22.62 -23.51 -12.66
C PRO F 206 -23.69 -24.02 -13.63
N ASN F 207 -24.18 -25.22 -13.38
CA ASN F 207 -25.19 -25.83 -14.22
C ASN F 207 -26.59 -25.31 -13.91
N ALA F 208 -26.74 -23.99 -13.92
CA ALA F 208 -28.03 -23.36 -13.64
C ALA F 208 -27.98 -21.84 -13.80
N SER F 209 -26.78 -21.30 -13.85
CA SER F 209 -26.54 -19.87 -14.00
C SER F 209 -27.31 -19.23 -15.14
N ASN F 210 -27.38 -17.90 -15.14
CA ASN F 210 -28.07 -17.17 -16.19
C ASN F 210 -27.08 -16.74 -17.25
N LEU F 211 -27.18 -17.40 -18.40
CA LEU F 211 -26.30 -17.18 -19.53
C LEU F 211 -26.29 -15.75 -20.08
N LYS F 212 -25.10 -15.29 -20.45
CA LYS F 212 -24.93 -13.95 -21.00
C LYS F 212 -23.69 -13.84 -21.85
N ILE F 213 -23.77 -13.03 -22.89
CA ILE F 213 -22.65 -12.80 -23.78
C ILE F 213 -22.28 -11.36 -23.47
N VAL F 214 -21.23 -11.19 -22.67
CA VAL F 214 -20.77 -9.87 -22.27
C VAL F 214 -20.36 -9.10 -23.51
N ARG F 215 -19.53 -9.71 -24.35
CA ARG F 215 -19.14 -9.09 -25.60
C ARG F 215 -18.48 -10.11 -26.49
N MET F 216 -18.39 -9.79 -27.77
CA MET F 216 -17.71 -10.68 -28.68
C MET F 216 -16.79 -9.96 -29.65
N ASP F 217 -15.77 -10.71 -30.04
CA ASP F 217 -14.72 -10.31 -30.96
C ASP F 217 -15.22 -9.48 -32.13
N ARG F 218 -16.04 -10.12 -32.95
CA ARG F 218 -16.63 -9.51 -34.14
C ARG F 218 -18.09 -9.92 -34.12
N THR F 219 -18.96 -9.10 -34.68
CA THR F 219 -20.38 -9.44 -34.69
C THR F 219 -20.95 -9.63 -36.08
N ALA F 220 -20.06 -9.95 -37.02
CA ALA F 220 -20.45 -10.16 -38.41
C ALA F 220 -19.42 -11.03 -39.14
N GLY F 221 -19.84 -11.61 -40.25
CA GLY F 221 -18.96 -12.45 -41.01
C GLY F 221 -19.57 -12.91 -42.32
N CYS F 222 -18.77 -13.65 -43.08
CA CYS F 222 -19.19 -14.14 -44.38
C CYS F 222 -20.13 -15.34 -44.25
N VAL F 223 -21.12 -15.39 -45.14
CA VAL F 223 -22.11 -16.47 -45.19
C VAL F 223 -21.45 -17.84 -45.21
N THR F 224 -20.29 -17.90 -45.85
CA THR F 224 -19.53 -19.13 -45.95
C THR F 224 -19.31 -19.72 -44.56
N GLY F 225 -19.29 -18.85 -43.55
CA GLY F 225 -19.10 -19.31 -42.20
C GLY F 225 -17.64 -19.73 -42.04
N GLY F 226 -17.31 -20.30 -40.90
CA GLY F 226 -15.95 -20.75 -40.70
C GLY F 226 -14.97 -19.67 -40.32
N GLU F 227 -15.49 -18.53 -39.88
CA GLU F 227 -14.63 -17.42 -39.45
C GLU F 227 -14.55 -17.51 -37.92
N GLU F 228 -13.35 -17.29 -37.39
CA GLU F 228 -13.12 -17.37 -35.96
C GLU F 228 -13.69 -16.18 -35.19
N ILE F 229 -14.33 -16.47 -34.06
CA ILE F 229 -14.93 -15.43 -33.24
C ILE F 229 -14.60 -15.65 -31.77
N TYR F 230 -14.25 -14.57 -31.08
CA TYR F 230 -13.97 -14.67 -29.65
C TYR F 230 -15.17 -14.20 -28.84
N LEU F 231 -15.57 -15.01 -27.87
CA LEU F 231 -16.72 -14.68 -27.05
C LEU F 231 -16.40 -14.70 -25.56
N LEU F 232 -16.65 -13.58 -24.90
CA LEU F 232 -16.44 -13.51 -23.47
C LEU F 232 -17.82 -13.62 -22.83
N CYS F 233 -17.95 -14.60 -21.95
CA CYS F 233 -19.23 -14.85 -21.31
C CYS F 233 -19.16 -15.01 -19.80
N ASP F 234 -20.34 -15.15 -19.21
CA ASP F 234 -20.44 -15.36 -17.78
C ASP F 234 -20.19 -16.84 -17.63
N LYS F 235 -19.78 -17.27 -16.45
CA LYS F 235 -19.49 -18.67 -16.17
C LYS F 235 -20.37 -19.66 -16.96
N VAL F 236 -19.72 -20.62 -17.63
CA VAL F 236 -20.40 -21.67 -18.39
C VAL F 236 -19.58 -22.95 -18.20
N GLN F 237 -20.13 -24.08 -18.63
CA GLN F 237 -19.41 -25.36 -18.54
C GLN F 237 -19.03 -25.87 -19.93
N LYS F 238 -17.73 -26.00 -20.15
CA LYS F 238 -17.17 -26.46 -21.42
C LYS F 238 -17.94 -27.60 -22.07
N ASP F 239 -18.30 -28.59 -21.26
CA ASP F 239 -19.02 -29.76 -21.74
C ASP F 239 -20.50 -29.55 -22.04
N ASP F 240 -21.11 -28.57 -21.40
CA ASP F 240 -22.53 -28.35 -21.63
C ASP F 240 -22.89 -26.95 -22.13
N ILE F 241 -22.30 -26.52 -23.25
CA ILE F 241 -22.61 -25.19 -23.77
C ILE F 241 -22.49 -25.10 -25.28
N GLN F 242 -23.30 -24.24 -25.89
CA GLN F 242 -23.22 -24.07 -27.33
C GLN F 242 -23.69 -22.71 -27.83
N ILE F 243 -23.05 -22.24 -28.88
CA ILE F 243 -23.39 -20.97 -29.52
C ILE F 243 -24.39 -21.35 -30.61
N ARG F 244 -25.49 -20.60 -30.70
CA ARG F 244 -26.52 -20.90 -31.67
C ARG F 244 -26.99 -19.66 -32.41
N PHE F 245 -26.86 -19.69 -33.74
CA PHE F 245 -27.29 -18.58 -34.58
C PHE F 245 -28.68 -19.00 -35.05
N TYR F 246 -29.56 -18.02 -35.27
CA TYR F 246 -30.90 -18.34 -35.74
C TYR F 246 -31.53 -17.16 -36.45
N GLU F 247 -32.64 -17.42 -37.13
CA GLU F 247 -33.36 -16.38 -37.88
C GLU F 247 -34.82 -16.77 -38.07
N GLU F 248 -35.66 -15.77 -38.28
CA GLU F 248 -37.09 -15.98 -38.49
C GLU F 248 -37.40 -16.03 -39.99
N GLU F 249 -38.26 -16.97 -40.38
CA GLU F 249 -38.66 -17.14 -41.78
C GLU F 249 -40.09 -16.67 -42.02
N GLU F 250 -40.48 -16.59 -43.29
CA GLU F 250 -41.82 -16.17 -43.65
C GLU F 250 -42.83 -17.10 -42.99
N ASN F 251 -43.83 -16.53 -42.34
CA ASN F 251 -44.86 -17.31 -41.65
C ASN F 251 -44.19 -18.29 -40.71
N GLY F 252 -44.07 -19.53 -41.17
CA GLY F 252 -43.41 -20.55 -40.38
C GLY F 252 -41.98 -20.67 -40.83
N GLY F 253 -41.07 -20.83 -39.89
CA GLY F 253 -39.67 -20.96 -40.27
C GLY F 253 -38.67 -20.33 -39.33
N VAL F 254 -37.59 -21.07 -39.09
CA VAL F 254 -36.50 -20.62 -38.23
C VAL F 254 -35.24 -21.36 -38.66
N TRP F 255 -34.26 -20.60 -39.16
CA TRP F 255 -33.00 -21.18 -39.59
C TRP F 255 -32.18 -21.44 -38.33
N GLU F 256 -31.21 -22.33 -38.40
CA GLU F 256 -30.43 -22.63 -37.21
C GLU F 256 -28.99 -23.06 -37.47
N GLY F 257 -28.05 -22.37 -36.82
CA GLY F 257 -26.65 -22.69 -36.97
C GLY F 257 -25.94 -22.75 -35.63
N PHE F 258 -25.02 -23.70 -35.49
CA PHE F 258 -24.25 -23.83 -34.25
C PHE F 258 -22.81 -23.46 -34.50
N GLY F 259 -22.20 -22.79 -33.52
CA GLY F 259 -20.82 -22.42 -33.67
C GLY F 259 -19.97 -23.66 -33.50
N ASP F 260 -18.95 -23.80 -34.32
CA ASP F 260 -18.08 -24.98 -34.23
C ASP F 260 -16.95 -24.76 -33.25
N PHE F 261 -16.98 -25.50 -32.16
CA PHE F 261 -15.93 -25.38 -31.16
C PHE F 261 -15.89 -26.57 -30.20
N SER F 262 -14.69 -26.92 -29.75
CA SER F 262 -14.51 -28.02 -28.83
C SER F 262 -14.52 -27.48 -27.40
N PRO F 263 -14.92 -28.32 -26.43
CA PRO F 263 -14.93 -27.79 -25.06
C PRO F 263 -13.57 -27.22 -24.70
N THR F 264 -12.53 -27.74 -25.34
CA THR F 264 -11.18 -27.29 -25.09
C THR F 264 -11.04 -25.83 -25.51
N ASP F 265 -12.00 -25.36 -26.30
CA ASP F 265 -12.04 -23.98 -26.80
C ASP F 265 -12.68 -23.04 -25.82
N VAL F 266 -13.11 -23.57 -24.68
CA VAL F 266 -13.72 -22.75 -23.65
C VAL F 266 -12.64 -22.41 -22.63
N HIS F 267 -12.31 -21.12 -22.53
CA HIS F 267 -11.27 -20.70 -21.62
C HIS F 267 -11.81 -20.32 -20.23
N ARG F 268 -11.36 -21.06 -19.22
CA ARG F 268 -11.77 -20.88 -17.83
C ARG F 268 -13.24 -20.53 -17.63
N GLN F 269 -14.11 -21.28 -18.30
CA GLN F 269 -15.56 -21.08 -18.20
C GLN F 269 -16.02 -19.65 -18.44
N PHE F 270 -15.18 -18.83 -19.07
CA PHE F 270 -15.56 -17.44 -19.34
C PHE F 270 -15.33 -16.97 -20.75
N ALA F 271 -14.77 -17.82 -21.59
CA ALA F 271 -14.52 -17.43 -22.98
C ALA F 271 -14.62 -18.61 -23.92
N ILE F 272 -14.90 -18.33 -25.19
CA ILE F 272 -15.02 -19.38 -26.17
C ILE F 272 -14.52 -18.90 -27.52
N VAL F 273 -13.65 -19.70 -28.12
CA VAL F 273 -13.10 -19.41 -29.43
C VAL F 273 -13.78 -20.40 -30.33
N PHE F 274 -14.65 -19.92 -31.21
CA PHE F 274 -15.40 -20.79 -32.11
C PHE F 274 -15.40 -20.26 -33.54
N LYS F 275 -16.00 -21.03 -34.45
CA LYS F 275 -16.09 -20.62 -35.83
C LYS F 275 -17.53 -20.53 -36.26
N THR F 276 -17.86 -19.45 -36.97
CA THR F 276 -19.22 -19.23 -37.45
C THR F 276 -19.64 -20.34 -38.39
N PRO F 277 -20.95 -20.60 -38.46
CA PRO F 277 -21.53 -21.63 -39.32
C PRO F 277 -21.92 -21.00 -40.67
N LYS F 278 -22.17 -21.83 -41.68
CA LYS F 278 -22.56 -21.30 -42.98
C LYS F 278 -23.97 -20.74 -42.84
N TYR F 279 -24.27 -19.65 -43.55
CA TYR F 279 -25.60 -19.09 -43.44
C TYR F 279 -26.58 -19.85 -44.29
N LYS F 280 -27.86 -19.69 -43.97
CA LYS F 280 -28.95 -20.34 -44.69
C LYS F 280 -28.66 -20.47 -46.19
N ASP F 281 -28.42 -19.34 -46.86
CA ASP F 281 -28.14 -19.34 -48.30
C ASP F 281 -26.91 -18.49 -48.66
N VAL F 282 -25.79 -19.16 -48.86
CA VAL F 282 -24.54 -18.51 -49.20
C VAL F 282 -24.58 -17.85 -50.57
N ASN F 283 -25.78 -17.71 -51.12
CA ASN F 283 -25.94 -17.12 -52.45
C ASN F 283 -26.48 -15.71 -52.36
N ILE F 284 -26.85 -15.27 -51.16
CA ILE F 284 -27.40 -13.94 -50.97
C ILE F 284 -26.44 -12.87 -51.51
N THR F 285 -27.03 -11.77 -51.98
CA THR F 285 -26.28 -10.66 -52.57
C THR F 285 -26.24 -9.48 -51.62
N LYS F 286 -27.18 -9.48 -50.67
CA LYS F 286 -27.27 -8.40 -49.70
C LYS F 286 -27.14 -8.93 -48.27
N PRO F 287 -26.55 -8.12 -47.38
CA PRO F 287 -26.36 -8.50 -45.97
C PRO F 287 -27.64 -9.00 -45.33
N ALA F 288 -27.54 -10.07 -44.55
CA ALA F 288 -28.68 -10.66 -43.87
C ALA F 288 -28.40 -10.71 -42.37
N SER F 289 -29.27 -10.08 -41.58
CA SER F 289 -29.11 -10.03 -40.14
C SER F 289 -29.72 -11.23 -39.43
N VAL F 290 -28.93 -11.90 -38.60
CA VAL F 290 -29.43 -13.04 -37.84
C VAL F 290 -29.17 -12.70 -36.37
N PHE F 291 -29.55 -13.62 -35.49
CA PHE F 291 -29.37 -13.41 -34.06
C PHE F 291 -28.51 -14.50 -33.47
N VAL F 292 -27.56 -14.13 -32.60
CA VAL F 292 -26.72 -15.13 -31.97
C VAL F 292 -27.10 -15.22 -30.52
N GLN F 293 -27.05 -16.44 -29.99
CA GLN F 293 -27.39 -16.67 -28.61
C GLN F 293 -26.58 -17.82 -28.04
N LEU F 294 -26.44 -17.78 -26.73
CA LEU F 294 -25.71 -18.77 -25.97
C LEU F 294 -26.79 -19.68 -25.40
N ARG F 295 -26.60 -20.98 -25.51
CA ARG F 295 -27.59 -21.92 -25.02
C ARG F 295 -26.95 -23.11 -24.32
N ARG F 296 -27.64 -23.61 -23.29
CA ARG F 296 -27.15 -24.76 -22.54
C ARG F 296 -27.75 -26.02 -23.10
N LYS F 297 -26.88 -26.93 -23.54
CA LYS F 297 -27.31 -28.19 -24.14
C LYS F 297 -28.24 -29.01 -23.26
N SER F 298 -28.09 -28.87 -21.93
CA SER F 298 -28.91 -29.61 -20.98
C SER F 298 -30.33 -29.07 -20.86
N ASP F 299 -30.49 -27.96 -20.13
CA ASP F 299 -31.80 -27.35 -19.91
C ASP F 299 -32.23 -26.49 -21.09
N LEU F 300 -31.52 -26.60 -22.20
CA LEU F 300 -31.80 -25.82 -23.41
C LEU F 300 -32.10 -24.35 -23.09
N GLU F 301 -31.52 -23.87 -21.99
CA GLU F 301 -31.68 -22.48 -21.57
C GLU F 301 -30.88 -21.60 -22.51
N THR F 302 -31.39 -20.41 -22.80
CA THR F 302 -30.67 -19.50 -23.68
C THR F 302 -30.24 -18.21 -22.99
N SER F 303 -29.69 -17.30 -23.77
CA SER F 303 -29.23 -16.02 -23.24
C SER F 303 -29.80 -14.89 -24.07
N GLU F 304 -29.44 -13.68 -23.69
CA GLU F 304 -29.88 -12.49 -24.41
C GLU F 304 -29.37 -12.62 -25.84
N PRO F 305 -30.27 -12.59 -26.84
CA PRO F 305 -29.81 -12.71 -28.23
C PRO F 305 -29.09 -11.47 -28.74
N LYS F 306 -27.99 -11.67 -29.46
CA LYS F 306 -27.25 -10.54 -30.01
C LYS F 306 -27.30 -10.56 -31.53
N PRO F 307 -27.62 -9.40 -32.13
CA PRO F 307 -27.75 -9.14 -33.57
C PRO F 307 -26.51 -9.38 -34.45
N PHE F 308 -26.32 -10.61 -34.92
CA PHE F 308 -25.18 -10.92 -35.78
C PHE F 308 -25.54 -10.65 -37.23
N LEU F 309 -24.59 -10.13 -37.99
CA LEU F 309 -24.83 -9.78 -39.39
C LEU F 309 -23.98 -10.55 -40.40
N TYR F 310 -24.65 -11.29 -41.28
CA TYR F 310 -23.98 -12.06 -42.31
C TYR F 310 -23.94 -11.24 -43.59
N TYR F 311 -22.90 -11.41 -44.38
CA TYR F 311 -22.79 -10.66 -45.62
C TYR F 311 -22.17 -11.52 -46.72
N PRO F 312 -22.43 -11.17 -47.99
CA PRO F 312 -21.95 -11.86 -49.19
C PRO F 312 -20.44 -12.04 -49.36
N GLU F 313 -20.06 -13.10 -50.07
CA GLU F 313 -18.67 -13.40 -50.33
C GLU F 313 -18.13 -12.39 -51.31
N MET G 1 27.19 -7.70 -35.85
CA MET G 1 26.85 -6.25 -35.79
C MET G 1 27.76 -5.49 -34.83
N ALA G 2 27.39 -4.24 -34.54
CA ALA G 2 28.16 -3.39 -33.64
C ALA G 2 27.39 -3.17 -32.34
N TYR G 3 27.58 -4.07 -31.38
CA TYR G 3 26.91 -3.97 -30.09
C TYR G 3 27.46 -2.77 -29.33
N VAL G 4 27.10 -2.65 -28.05
CA VAL G 4 27.59 -1.57 -27.18
C VAL G 4 27.60 -2.14 -25.77
N GLU G 5 28.51 -1.66 -24.93
CA GLU G 5 28.59 -2.21 -23.59
C GLU G 5 29.29 -1.33 -22.57
N ILE G 6 28.50 -0.81 -21.63
CA ILE G 6 29.05 0.03 -20.57
C ILE G 6 30.01 -0.86 -19.77
N ILE G 7 31.22 -0.36 -19.53
CA ILE G 7 32.19 -1.12 -18.76
C ILE G 7 32.20 -0.57 -17.34
N GLU G 8 32.00 0.74 -17.21
CA GLU G 8 31.98 1.41 -15.92
C GLU G 8 30.58 1.91 -15.58
N GLN G 9 29.59 1.01 -15.68
CA GLN G 9 28.19 1.35 -15.39
C GLN G 9 28.05 2.24 -14.16
N PRO G 10 27.25 3.31 -14.25
CA PRO G 10 27.02 4.24 -13.14
C PRO G 10 26.87 3.57 -11.78
N LYS G 11 27.27 4.29 -10.74
CA LYS G 11 27.18 3.78 -9.37
C LYS G 11 25.73 3.54 -8.95
N GLN G 12 25.55 2.77 -7.88
CA GLN G 12 24.21 2.48 -7.35
C GLN G 12 23.75 3.63 -6.45
N ARG G 13 23.88 3.43 -5.14
CA ARG G 13 23.48 4.45 -4.16
C ARG G 13 24.63 5.37 -3.76
N GLY G 14 24.35 6.32 -2.87
CA GLY G 14 25.37 7.25 -2.43
C GLY G 14 25.14 8.68 -2.88
N MET G 15 25.36 8.92 -4.18
CA MET G 15 25.17 10.24 -4.78
C MET G 15 23.74 10.71 -4.53
N ARG G 16 23.53 12.02 -4.59
CA ARG G 16 22.18 12.56 -4.44
C ARG G 16 22.01 13.64 -5.50
N PHE G 17 20.88 13.59 -6.19
CA PHE G 17 20.57 14.53 -7.27
C PHE G 17 20.54 15.96 -6.78
N ARG G 18 21.17 16.85 -7.53
CA ARG G 18 21.16 18.24 -7.13
C ARG G 18 20.14 18.96 -7.99
N TYR G 19 19.52 20.00 -7.42
CA TYR G 19 18.53 20.80 -8.13
C TYR G 19 19.29 21.88 -8.86
N LYS G 20 18.59 22.68 -9.65
CA LYS G 20 19.22 23.75 -10.40
C LYS G 20 19.88 24.75 -9.44
N CYS G 21 19.06 25.41 -8.65
CA CYS G 21 19.52 26.40 -7.67
C CYS G 21 20.82 26.04 -6.97
N GLU G 22 21.15 24.74 -6.97
CA GLU G 22 22.36 24.26 -6.30
C GLU G 22 23.69 24.39 -7.03
N GLY G 23 23.91 25.52 -7.69
CA GLY G 23 25.15 25.73 -8.40
C GLY G 23 25.38 24.73 -9.52
N ARG G 24 24.29 24.27 -10.11
CA ARG G 24 24.34 23.31 -11.21
C ARG G 24 25.45 22.28 -11.02
N SER G 25 26.16 21.98 -12.11
CA SER G 25 27.23 20.98 -12.08
C SER G 25 28.37 21.36 -11.12
N ALA G 26 28.37 20.71 -9.96
CA ALA G 26 29.39 20.90 -8.93
C ALA G 26 29.94 19.51 -8.62
N GLY G 27 29.72 18.61 -9.57
CA GLY G 27 30.17 17.23 -9.45
C GLY G 27 29.74 16.46 -10.70
N SER G 28 30.18 15.21 -10.81
CA SER G 28 29.83 14.41 -11.97
C SER G 28 29.27 13.06 -11.51
N ILE G 29 28.94 12.21 -12.48
CA ILE G 29 28.42 10.89 -12.16
C ILE G 29 29.59 9.92 -12.03
N PRO G 30 29.79 9.38 -10.83
CA PRO G 30 30.85 8.42 -10.51
C PRO G 30 30.66 7.04 -11.09
N GLY G 31 31.75 6.40 -11.49
CA GLY G 31 31.68 5.06 -12.02
C GLY G 31 31.49 4.10 -10.87
N GLU G 32 30.69 3.06 -11.09
CA GLU G 32 30.38 2.04 -10.09
C GLU G 32 31.54 1.66 -9.15
N ARG G 33 32.74 1.52 -9.73
CA ARG G 33 33.93 1.12 -8.97
C ARG G 33 34.83 2.27 -8.57
N SER G 34 34.34 3.50 -8.70
CA SER G 34 35.14 4.65 -8.33
C SER G 34 35.45 4.63 -6.84
N THR G 35 36.55 5.28 -6.48
CA THR G 35 37.00 5.38 -5.08
C THR G 35 37.34 6.84 -4.82
N ASP G 36 37.58 7.17 -3.55
CA ASP G 36 37.93 8.54 -3.16
C ASP G 36 39.10 9.02 -4.03
N THR G 37 40.19 8.25 -3.99
CA THR G 37 41.39 8.55 -4.75
C THR G 37 41.13 8.40 -6.24
N THR G 38 40.98 7.16 -6.68
CA THR G 38 40.71 6.86 -8.09
C THR G 38 39.23 7.05 -8.39
N LYS G 39 38.94 8.06 -9.20
CA LYS G 39 37.56 8.34 -9.59
C LYS G 39 37.32 7.79 -10.99
N THR G 40 36.12 7.27 -11.23
CA THR G 40 35.76 6.68 -12.51
C THR G 40 34.54 7.35 -13.13
N HIS G 41 34.38 7.19 -14.44
CA HIS G 41 33.24 7.78 -15.14
C HIS G 41 32.64 6.85 -16.20
N PRO G 42 31.39 7.11 -16.59
CA PRO G 42 30.62 6.35 -17.58
C PRO G 42 31.35 6.03 -18.88
N THR G 43 31.87 4.81 -18.98
CA THR G 43 32.61 4.34 -20.17
C THR G 43 31.90 3.19 -20.90
N ILE G 44 31.54 3.43 -22.15
CA ILE G 44 30.86 2.44 -22.98
C ILE G 44 31.81 1.80 -24.00
N LYS G 45 31.63 0.52 -24.27
CA LYS G 45 32.47 -0.23 -25.19
C LYS G 45 31.76 -0.54 -26.51
N ILE G 46 31.96 0.31 -27.51
CA ILE G 46 31.31 0.11 -28.80
C ILE G 46 32.15 -0.61 -29.82
N ASN G 47 32.65 -1.80 -29.46
CA ASN G 47 33.49 -2.58 -30.38
C ASN G 47 32.70 -3.12 -31.57
N GLY G 48 33.32 -3.04 -32.75
CA GLY G 48 32.67 -3.49 -33.97
C GLY G 48 32.59 -2.31 -34.91
N TYR G 49 33.40 -1.31 -34.60
CA TYR G 49 33.45 -0.08 -35.38
C TYR G 49 34.47 0.80 -34.67
N THR G 50 34.94 1.87 -35.32
CA THR G 50 35.91 2.76 -34.67
C THR G 50 35.98 4.13 -35.31
N GLY G 51 35.26 4.31 -36.41
CA GLY G 51 35.25 5.59 -37.09
C GLY G 51 34.56 6.65 -36.24
N PRO G 52 34.01 7.71 -36.86
CA PRO G 52 33.31 8.79 -36.15
C PRO G 52 31.89 8.44 -35.72
N GLY G 53 31.06 9.46 -35.56
CA GLY G 53 29.67 9.23 -35.16
C GLY G 53 29.13 10.18 -34.10
N THR G 54 27.81 10.26 -33.99
CA THR G 54 27.16 11.12 -33.00
C THR G 54 26.88 10.35 -31.72
N VAL G 55 26.70 11.09 -30.61
CA VAL G 55 26.40 10.48 -29.32
C VAL G 55 25.34 11.29 -28.58
N ARG G 56 24.30 10.58 -28.15
CA ARG G 56 23.17 11.16 -27.44
C ARG G 56 22.97 10.36 -26.16
N ILE G 57 23.23 10.94 -24.99
CA ILE G 57 23.03 10.22 -23.74
C ILE G 57 21.79 10.73 -23.00
N SER G 58 20.86 9.81 -22.73
CA SER G 58 19.62 10.16 -22.04
C SER G 58 19.42 9.51 -20.68
N LEU G 59 18.62 10.18 -19.86
CA LEU G 59 18.26 9.70 -18.53
C LEU G 59 16.86 9.16 -18.70
N VAL G 60 16.61 7.92 -18.31
CA VAL G 60 15.27 7.34 -18.45
C VAL G 60 14.85 6.60 -17.19
N THR G 61 13.59 6.21 -17.12
CA THR G 61 13.05 5.52 -15.95
C THR G 61 13.60 4.10 -15.72
N LYS G 62 13.37 3.61 -14.51
CA LYS G 62 13.81 2.29 -14.12
C LYS G 62 13.07 1.12 -14.76
N ASP G 63 11.76 1.07 -14.57
CA ASP G 63 10.94 -0.03 -15.07
C ASP G 63 10.58 -0.10 -16.56
N PRO G 64 10.36 -1.34 -17.07
CA PRO G 64 10.02 -1.76 -18.42
C PRO G 64 9.63 -0.72 -19.45
N PRO G 65 8.47 -0.08 -19.30
CA PRO G 65 8.31 0.89 -20.40
C PRO G 65 9.28 2.05 -20.12
N HIS G 66 10.56 1.86 -20.45
CA HIS G 66 11.58 2.87 -20.18
C HIS G 66 11.40 4.24 -20.81
N ARG G 67 10.67 5.09 -20.07
CA ARG G 67 10.36 6.43 -20.51
C ARG G 67 11.50 7.37 -20.18
N PRO G 68 11.54 8.51 -20.87
CA PRO G 68 12.61 9.45 -20.56
C PRO G 68 12.26 10.14 -19.26
N HIS G 69 13.18 10.11 -18.31
CA HIS G 69 12.96 10.72 -17.02
C HIS G 69 12.86 12.24 -17.08
N PRO G 70 12.15 12.87 -16.13
CA PRO G 70 12.01 14.33 -16.13
C PRO G 70 13.26 15.09 -15.71
N HIS G 71 14.19 14.41 -15.05
CA HIS G 71 15.44 15.04 -14.61
C HIS G 71 16.38 15.33 -15.76
N GLU G 72 16.72 16.60 -15.97
CA GLU G 72 17.65 16.95 -17.03
C GLU G 72 19.01 16.36 -16.73
N LEU G 73 19.90 16.49 -17.70
CA LEU G 73 21.25 15.98 -17.58
C LEU G 73 22.10 17.21 -17.89
N VAL G 74 22.78 17.76 -16.89
CA VAL G 74 23.57 18.97 -17.10
C VAL G 74 25.06 18.75 -17.14
N GLY G 75 25.75 19.64 -17.84
CA GLY G 75 27.19 19.54 -17.97
C GLY G 75 27.70 20.02 -19.32
N LYS G 76 28.91 19.60 -19.66
CA LYS G 76 29.57 19.96 -20.91
C LYS G 76 28.96 19.19 -22.07
N ASP G 77 28.62 19.91 -23.14
CA ASP G 77 28.03 19.32 -24.35
C ASP G 77 26.57 18.88 -24.14
N CYS G 78 26.10 18.97 -22.91
CA CYS G 78 24.73 18.57 -22.59
C CYS G 78 23.76 19.65 -23.00
N ARG G 79 22.74 19.27 -23.77
CA ARG G 79 21.77 20.25 -24.24
C ARG G 79 20.32 19.95 -23.87
N ASP G 80 19.54 21.02 -23.79
CA ASP G 80 18.12 21.00 -23.50
C ASP G 80 17.59 19.98 -22.48
N GLY G 81 18.48 19.29 -21.79
CA GLY G 81 18.02 18.31 -20.82
C GLY G 81 18.53 16.92 -21.13
N TYR G 82 19.63 16.83 -21.87
CA TYR G 82 20.21 15.54 -22.20
C TYR G 82 21.67 15.69 -22.60
N TYR G 83 22.08 14.96 -23.62
CA TYR G 83 23.46 15.01 -24.06
C TYR G 83 23.47 14.74 -25.56
N GLU G 84 24.50 15.26 -26.23
CA GLU G 84 24.65 15.08 -27.67
C GLU G 84 25.97 15.69 -28.11
N ALA G 85 27.00 14.84 -28.26
CA ALA G 85 28.33 15.30 -28.65
C ALA G 85 28.92 14.61 -29.88
N ASP G 86 30.06 13.93 -29.71
CA ASP G 86 30.73 13.26 -30.82
C ASP G 86 31.64 12.11 -30.35
N LEU G 87 32.00 11.22 -31.28
CA LEU G 87 32.84 10.06 -31.00
C LEU G 87 34.29 10.24 -31.49
N CYS G 88 35.19 9.37 -31.04
CA CYS G 88 36.61 9.44 -31.43
C CYS G 88 37.20 8.11 -31.93
N PRO G 89 38.29 8.18 -32.71
CA PRO G 89 39.04 7.06 -33.32
C PRO G 89 39.67 6.03 -32.36
N ASP G 90 40.78 6.40 -31.72
CA ASP G 90 41.46 5.50 -30.76
C ASP G 90 40.44 5.13 -29.69
N ARG G 91 39.30 5.82 -29.75
CA ARG G 91 38.21 5.60 -28.83
C ARG G 91 37.25 4.55 -29.40
N SER G 92 37.06 3.50 -28.62
CA SER G 92 36.17 2.40 -28.95
C SER G 92 35.61 2.01 -27.58
N ILE G 93 36.06 2.76 -26.59
CA ILE G 93 35.68 2.60 -25.19
C ILE G 93 35.78 4.00 -24.54
N HIS G 94 35.05 4.95 -25.11
CA HIS G 94 35.04 6.35 -24.63
C HIS G 94 34.40 6.50 -23.26
N SER G 95 34.68 7.61 -22.59
CA SER G 95 34.13 7.87 -21.26
C SER G 95 33.59 9.29 -21.14
N PHE G 96 32.67 9.49 -20.20
CA PHE G 96 32.09 10.80 -19.97
C PHE G 96 32.43 11.30 -18.57
N GLN G 97 33.00 12.49 -18.50
CA GLN G 97 33.41 13.05 -17.22
C GLN G 97 32.85 14.45 -16.99
N ASN G 98 31.59 14.65 -17.34
CA ASN G 98 30.97 15.96 -17.14
C ASN G 98 29.47 16.03 -17.35
N LEU G 99 28.71 15.34 -16.51
CA LEU G 99 27.23 15.35 -16.57
C LEU G 99 26.65 14.95 -15.22
N GLY G 100 25.74 15.77 -14.72
CA GLY G 100 25.14 15.48 -13.43
C GLY G 100 23.63 15.36 -13.50
N ILE G 101 23.05 14.61 -12.57
CA ILE G 101 21.60 14.41 -12.55
C ILE G 101 20.86 15.57 -11.87
N GLN G 102 20.30 16.48 -12.67
CA GLN G 102 19.54 17.60 -12.11
C GLN G 102 18.10 17.19 -11.91
N CYS G 103 17.68 17.07 -10.65
CA CYS G 103 16.31 16.71 -10.35
C CYS G 103 15.43 17.91 -10.61
N VAL G 104 14.16 17.64 -10.84
CA VAL G 104 13.19 18.68 -11.12
C VAL G 104 12.26 18.76 -9.94
N LYS G 105 11.57 19.88 -9.79
CA LYS G 105 10.64 20.04 -8.69
C LYS G 105 9.27 19.48 -9.05
N LYS G 106 8.63 18.79 -8.10
CA LYS G 106 7.30 18.20 -8.34
C LYS G 106 6.34 19.23 -8.93
N ARG G 107 6.66 20.51 -8.72
CA ARG G 107 5.87 21.61 -9.26
C ARG G 107 6.09 21.72 -10.77
N ASP G 108 7.34 21.51 -11.19
CA ASP G 108 7.73 21.60 -12.58
C ASP G 108 7.81 20.23 -13.26
N LEU G 109 6.93 19.31 -12.89
CA LEU G 109 7.00 17.97 -13.47
C LEU G 109 6.52 17.85 -14.93
N GLU G 110 5.29 18.28 -15.24
CA GLU G 110 4.82 18.17 -16.63
C GLU G 110 5.69 19.02 -17.56
N GLN G 111 6.06 20.22 -17.11
CA GLN G 111 6.88 21.12 -17.90
C GLN G 111 8.24 20.48 -18.17
N ALA G 112 8.55 19.43 -17.42
CA ALA G 112 9.82 18.76 -17.62
C ALA G 112 9.64 17.66 -18.65
N ILE G 113 8.50 16.99 -18.61
CA ILE G 113 8.26 15.93 -19.57
C ILE G 113 8.17 16.54 -20.97
N SER G 114 7.37 17.59 -21.13
CA SER G 114 7.23 18.24 -22.43
C SER G 114 8.60 18.50 -23.01
N GLN G 115 9.48 19.06 -22.17
CA GLN G 115 10.85 19.36 -22.58
C GLN G 115 11.59 18.06 -22.92
N ARG G 116 10.84 16.97 -23.04
CA ARG G 116 11.43 15.70 -23.39
C ARG G 116 10.80 15.37 -24.72
N ILE G 117 9.49 15.62 -24.81
CA ILE G 117 8.79 15.38 -26.05
C ILE G 117 9.27 16.40 -27.07
N GLN G 118 9.10 17.68 -26.74
CA GLN G 118 9.54 18.75 -27.63
C GLN G 118 10.92 18.51 -28.18
N THR G 119 11.89 18.31 -27.30
CA THR G 119 13.26 18.08 -27.75
C THR G 119 13.49 16.65 -28.22
N ASN G 120 12.43 16.03 -28.72
CA ASN G 120 12.49 14.66 -29.22
C ASN G 120 13.51 13.84 -28.46
N ASN G 121 13.25 13.69 -27.17
CA ASN G 121 14.11 12.94 -26.27
C ASN G 121 13.34 11.66 -25.94
N ASN G 122 13.62 10.57 -26.63
CA ASN G 122 12.90 9.33 -26.35
C ASN G 122 13.58 8.06 -26.86
N PRO G 123 14.55 7.55 -26.11
CA PRO G 123 15.28 6.34 -26.48
C PRO G 123 14.45 5.21 -27.06
N PHE G 124 13.55 4.61 -26.29
CA PHE G 124 12.78 3.49 -26.81
C PHE G 124 11.50 3.80 -27.56
N HIS G 125 11.35 5.05 -27.96
CA HIS G 125 10.20 5.50 -28.74
C HIS G 125 8.88 5.18 -28.09
N VAL G 126 8.88 5.31 -26.77
CA VAL G 126 7.71 5.06 -25.94
C VAL G 126 6.66 6.06 -26.39
N PRO G 127 5.49 5.57 -26.79
CA PRO G 127 4.48 6.53 -27.23
C PRO G 127 4.12 7.59 -26.20
N ILE G 128 3.72 8.75 -26.71
CA ILE G 128 3.33 9.91 -25.92
C ILE G 128 2.25 9.66 -24.86
N GLU G 129 1.13 9.07 -25.28
CA GLU G 129 0.04 8.83 -24.35
C GLU G 129 0.50 8.01 -23.14
N GLU G 130 1.70 7.45 -23.25
CA GLU G 130 2.24 6.61 -22.20
C GLU G 130 3.34 7.31 -21.46
N GLN G 131 3.52 8.58 -21.79
CA GLN G 131 4.58 9.41 -21.23
C GLN G 131 3.96 10.55 -20.45
N ARG G 132 3.06 10.20 -19.55
CA ARG G 132 2.36 11.18 -18.73
C ARG G 132 2.13 10.49 -17.40
N GLY G 133 1.52 11.19 -16.46
CA GLY G 133 1.23 10.59 -15.17
C GLY G 133 2.37 10.63 -14.15
N ASP G 134 2.36 9.66 -13.25
CA ASP G 134 3.35 9.55 -12.19
C ASP G 134 4.69 8.95 -12.61
N TYR G 135 5.78 9.54 -12.12
CA TYR G 135 7.13 9.08 -12.39
C TYR G 135 7.90 8.98 -11.07
N ASP G 136 8.76 7.95 -10.94
CA ASP G 136 9.56 7.81 -9.73
C ASP G 136 10.74 8.78 -9.83
N LEU G 137 10.64 9.89 -9.14
CA LEU G 137 11.69 10.87 -9.20
C LEU G 137 12.96 10.46 -8.47
N ASN G 138 12.87 9.46 -7.60
CA ASN G 138 14.05 9.04 -6.84
C ASN G 138 15.06 8.14 -7.59
N ALA G 139 14.69 7.57 -8.71
CA ALA G 139 15.63 6.71 -9.43
C ALA G 139 15.63 6.92 -10.94
N VAL G 140 16.74 6.52 -11.57
CA VAL G 140 16.90 6.65 -13.02
C VAL G 140 17.90 5.66 -13.59
N ARG G 141 18.07 5.73 -14.91
CA ARG G 141 19.01 4.90 -15.65
C ARG G 141 19.51 5.75 -16.81
N LEU G 142 20.75 5.51 -17.22
CA LEU G 142 21.33 6.22 -18.35
C LEU G 142 21.11 5.35 -19.59
N CYS G 143 20.77 5.98 -20.71
CA CYS G 143 20.54 5.28 -21.97
C CYS G 143 21.38 5.92 -23.05
N PHE G 144 22.19 5.10 -23.71
CA PHE G 144 23.07 5.57 -24.75
C PHE G 144 22.43 5.46 -26.13
N GLN G 145 22.66 6.47 -26.96
CA GLN G 145 22.10 6.51 -28.29
C GLN G 145 23.23 6.89 -29.28
N VAL G 146 24.14 5.94 -29.47
CA VAL G 146 25.28 6.12 -30.38
C VAL G 146 24.86 5.91 -31.83
N THR G 147 25.63 6.47 -32.76
CA THR G 147 25.32 6.33 -34.18
C THR G 147 26.55 6.11 -35.06
N VAL G 148 27.11 4.91 -35.00
CA VAL G 148 28.27 4.57 -35.79
C VAL G 148 27.83 4.44 -37.25
N ARG G 149 28.56 3.64 -38.03
CA ARG G 149 28.22 3.43 -39.43
C ARG G 149 28.70 2.07 -39.93
N ASP G 150 28.13 1.59 -41.03
CA ASP G 150 28.51 0.31 -41.60
C ASP G 150 29.38 0.57 -42.82
N PRO G 151 30.03 -0.47 -43.38
CA PRO G 151 30.90 -0.30 -44.55
C PRO G 151 30.38 0.61 -45.66
N ALA G 152 29.10 0.98 -45.58
CA ALA G 152 28.50 1.86 -46.58
C ALA G 152 28.70 3.33 -46.24
N GLY G 153 28.83 3.62 -44.95
CA GLY G 153 29.02 5.00 -44.53
C GLY G 153 27.77 5.62 -43.95
N ARG G 154 26.63 4.97 -44.15
CA ARG G 154 25.36 5.47 -43.63
C ARG G 154 25.29 5.30 -42.11
N PRO G 155 24.39 6.07 -41.45
CA PRO G 155 24.25 5.97 -40.00
C PRO G 155 23.68 4.65 -39.51
N LEU G 156 24.51 3.88 -38.81
CA LEU G 156 24.09 2.58 -38.26
C LEU G 156 23.66 2.75 -36.80
N LEU G 157 22.43 3.24 -36.61
CA LEU G 157 21.89 3.46 -35.28
C LEU G 157 21.95 2.17 -34.45
N LEU G 158 22.96 2.04 -33.60
CA LEU G 158 23.10 0.85 -32.78
C LEU G 158 21.98 0.74 -31.75
N THR G 159 21.92 -0.41 -31.07
CA THR G 159 20.88 -0.66 -30.06
C THR G 159 21.10 0.04 -28.73
N PRO G 160 20.16 0.92 -28.34
CA PRO G 160 20.25 1.65 -27.08
C PRO G 160 20.40 0.67 -25.92
N VAL G 161 21.10 1.10 -24.87
CA VAL G 161 21.32 0.26 -23.71
C VAL G 161 21.08 1.07 -22.43
N LEU G 162 20.85 0.36 -21.33
CA LEU G 162 20.54 1.01 -20.06
C LEU G 162 21.46 0.66 -18.90
N SER G 163 22.07 1.69 -18.34
CA SER G 163 22.97 1.57 -17.20
C SER G 163 22.17 1.17 -15.98
N HIS G 164 22.65 0.20 -15.20
CA HIS G 164 21.90 -0.21 -14.02
C HIS G 164 21.44 1.03 -13.24
N PRO G 165 20.37 0.89 -12.44
CA PRO G 165 19.78 1.96 -11.63
C PRO G 165 20.62 2.82 -10.70
N ILE G 166 20.46 4.14 -10.87
CA ILE G 166 21.15 5.14 -10.05
C ILE G 166 20.05 5.74 -9.15
N PHE G 167 20.29 5.83 -7.85
CA PHE G 167 19.28 6.37 -6.95
C PHE G 167 19.71 7.67 -6.29
N ASP G 168 18.75 8.40 -5.72
CA ASP G 168 19.02 9.65 -5.03
C ASP G 168 19.29 9.29 -3.58
N ASN G 169 20.28 9.94 -2.96
CA ASN G 169 20.57 9.61 -1.58
C ASN G 169 19.85 10.57 -0.66
N ARG G 170 19.32 11.65 -1.23
CA ARG G 170 18.62 12.63 -0.42
C ARG G 170 17.20 12.20 -0.05
N ALA G 171 16.60 11.31 -0.84
CA ALA G 171 15.27 10.82 -0.53
C ALA G 171 15.40 9.76 0.54
N PRO G 172 14.80 9.99 1.71
CA PRO G 172 14.83 9.10 2.88
C PRO G 172 14.54 7.61 2.66
N ASN G 173 13.98 7.25 1.51
CA ASN G 173 13.68 5.85 1.24
C ASN G 173 14.48 5.29 0.09
N THR G 174 15.52 6.02 -0.30
CA THR G 174 16.39 5.60 -1.39
C THR G 174 17.81 5.98 -1.00
N ALA G 175 17.94 6.45 0.24
CA ALA G 175 19.23 6.86 0.78
C ALA G 175 20.03 5.64 1.25
N GLU G 176 21.35 5.79 1.25
CA GLU G 176 22.23 4.73 1.68
C GLU G 176 22.03 4.59 3.18
N LEU G 177 22.06 3.36 3.68
CA LEU G 177 21.90 3.13 5.12
C LEU G 177 23.23 3.05 5.85
N LYS G 178 23.36 3.88 6.90
CA LYS G 178 24.58 3.94 7.68
C LYS G 178 24.33 3.96 9.17
N ILE G 179 25.31 3.47 9.91
CA ILE G 179 25.28 3.45 11.36
C ILE G 179 26.49 4.27 11.77
N CYS G 180 26.24 5.51 12.19
CA CYS G 180 27.29 6.45 12.59
C CYS G 180 28.07 5.84 13.75
N ARG G 181 27.38 5.57 14.84
CA ARG G 181 28.02 4.97 15.98
C ARG G 181 26.98 4.29 16.84
N VAL G 182 27.45 3.61 17.88
CA VAL G 182 26.53 2.89 18.74
C VAL G 182 26.92 2.86 20.21
N ASN G 183 25.88 2.83 21.04
CA ASN G 183 25.95 2.77 22.50
C ASN G 183 27.08 1.87 22.98
N ARG G 184 26.84 0.58 22.82
CA ARG G 184 27.77 -0.45 23.21
C ARG G 184 27.75 -1.51 22.11
N ASN G 185 28.81 -2.31 22.03
CA ASN G 185 28.89 -3.35 21.02
C ASN G 185 29.25 -4.70 21.59
N SER G 186 28.67 -5.04 22.74
CA SER G 186 28.96 -6.33 23.35
C SER G 186 27.75 -7.11 23.81
N GLY G 187 27.02 -6.59 24.79
CA GLY G 187 25.82 -7.27 25.28
C GLY G 187 25.88 -8.76 25.59
N SER G 188 24.99 -9.22 26.47
CA SER G 188 24.94 -10.62 26.87
C SER G 188 24.32 -11.51 25.81
N CYS G 189 24.81 -12.74 25.70
CA CYS G 189 24.30 -13.70 24.74
C CYS G 189 22.85 -14.03 25.06
N LEU G 190 22.32 -13.42 26.11
CA LEU G 190 20.95 -13.65 26.50
C LEU G 190 20.07 -12.49 26.05
N GLY G 191 20.70 -11.50 25.42
CA GLY G 191 19.98 -10.34 24.91
C GLY G 191 19.22 -9.50 25.91
N GLY G 192 18.72 -8.35 25.46
CA GLY G 192 17.97 -7.48 26.35
C GLY G 192 18.74 -6.21 26.68
N ASP G 193 19.95 -6.12 26.15
CA ASP G 193 20.77 -4.96 26.39
C ASP G 193 20.30 -3.82 25.50
N GLU G 194 19.96 -2.69 26.12
CA GLU G 194 19.50 -1.54 25.38
C GLU G 194 20.66 -0.90 24.65
N ILE G 195 20.44 -0.60 23.38
CA ILE G 195 21.46 -0.01 22.57
C ILE G 195 20.98 1.34 22.05
N PHE G 196 21.90 2.29 21.96
CA PHE G 196 21.60 3.60 21.43
C PHE G 196 22.38 3.66 20.12
N LEU G 197 21.64 3.63 19.01
CA LEU G 197 22.27 3.66 17.71
C LEU G 197 22.02 4.99 17.03
N LEU G 198 23.08 5.60 16.52
CA LEU G 198 22.93 6.86 15.82
C LEU G 198 23.06 6.51 14.35
N CYS G 199 22.08 6.92 13.55
CA CYS G 199 22.08 6.60 12.14
C CYS G 199 21.73 7.77 11.26
N ASP G 200 21.93 7.59 9.96
CA ASP G 200 21.57 8.61 9.00
C ASP G 200 20.06 8.45 8.80
N LYS G 201 19.38 9.56 8.50
CA LYS G 201 17.95 9.54 8.33
C LYS G 201 17.31 8.22 7.90
N VAL G 202 16.41 7.73 8.74
CA VAL G 202 15.65 6.52 8.44
C VAL G 202 14.19 6.85 8.76
N GLN G 203 13.28 6.13 8.13
CA GLN G 203 11.87 6.36 8.37
C GLN G 203 11.44 5.27 9.33
N LYS G 204 11.02 5.70 10.52
CA LYS G 204 10.57 4.83 11.59
C LYS G 204 9.64 3.76 11.08
N GLU G 205 8.62 4.20 10.37
CA GLU G 205 7.62 3.29 9.82
C GLU G 205 8.22 2.14 9.00
N ASP G 206 9.41 2.35 8.46
CA ASP G 206 10.05 1.35 7.59
C ASP G 206 11.53 1.13 7.90
N ILE G 207 11.84 0.54 9.05
CA ILE G 207 13.24 0.31 9.40
C ILE G 207 13.41 -0.77 10.45
N GLU G 208 14.57 -1.43 10.45
CA GLU G 208 14.85 -2.48 11.42
C GLU G 208 16.34 -2.66 11.66
N VAL G 209 16.67 -3.20 12.83
CA VAL G 209 18.06 -3.47 13.18
C VAL G 209 18.24 -4.97 12.97
N TYR G 210 19.04 -5.33 11.97
CA TYR G 210 19.26 -6.73 11.62
C TYR G 210 20.56 -7.35 12.14
N PHE G 211 20.41 -8.47 12.85
CA PHE G 211 21.53 -9.22 13.44
C PHE G 211 21.75 -10.55 12.71
N THR G 212 22.79 -10.61 11.88
CA THR G 212 23.10 -11.84 11.15
C THR G 212 23.90 -12.80 12.02
N GLY G 213 24.68 -13.65 11.36
CA GLY G 213 25.48 -14.63 12.08
C GLY G 213 25.14 -16.04 11.62
N PRO G 214 26.15 -16.81 11.19
CA PRO G 214 26.01 -18.18 10.71
C PRO G 214 24.88 -18.96 11.38
N GLY G 215 23.87 -19.34 10.61
CA GLY G 215 22.77 -20.11 11.14
C GLY G 215 21.88 -19.42 12.16
N TRP G 216 22.15 -18.14 12.38
CA TRP G 216 21.38 -17.35 13.33
C TRP G 216 20.96 -16.05 12.68
N GLU G 217 19.71 -15.68 12.88
CA GLU G 217 19.17 -14.45 12.33
C GLU G 217 18.01 -13.90 13.16
N ALA G 218 18.13 -12.66 13.59
CA ALA G 218 17.06 -11.99 14.33
C ALA G 218 17.27 -10.48 14.33
N ARG G 219 16.31 -9.74 14.87
CA ARG G 219 16.43 -8.29 14.90
C ARG G 219 16.19 -7.69 16.27
N GLY G 220 16.78 -6.53 16.50
CA GLY G 220 16.62 -5.84 17.77
C GLY G 220 15.22 -5.31 18.03
N SER G 221 14.68 -5.64 19.19
CA SER G 221 13.35 -5.19 19.54
C SER G 221 13.22 -3.70 19.84
N PHE G 222 12.42 -3.00 19.05
CA PHE G 222 12.15 -1.59 19.28
C PHE G 222 10.81 -1.17 18.69
N SER G 223 10.62 0.12 18.48
CA SER G 223 9.34 0.57 17.94
C SER G 223 9.37 1.94 17.26
N GLN G 224 8.16 2.40 16.93
CA GLN G 224 7.96 3.68 16.27
C GLN G 224 8.50 4.78 17.16
N ALA G 225 7.83 4.99 18.29
CA ALA G 225 8.19 6.04 19.23
C ALA G 225 9.61 5.97 19.76
N ASP G 226 10.32 4.88 19.44
CA ASP G 226 11.68 4.73 19.93
C ASP G 226 12.73 5.17 18.90
N VAL G 227 12.28 5.84 17.85
CA VAL G 227 13.19 6.34 16.82
C VAL G 227 13.23 7.86 16.97
N HIS G 228 14.40 8.41 17.29
CA HIS G 228 14.51 9.87 17.50
C HIS G 228 14.86 10.64 16.25
N ARG G 229 13.98 11.58 15.90
CA ARG G 229 14.13 12.41 14.74
C ARG G 229 14.92 11.73 13.62
N GLN G 230 14.43 10.57 13.19
CA GLN G 230 15.01 9.76 12.11
C GLN G 230 16.50 9.53 12.15
N VAL G 231 17.18 9.90 13.23
CA VAL G 231 18.64 9.72 13.28
C VAL G 231 19.17 8.94 14.46
N ALA G 232 18.28 8.24 15.15
CA ALA G 232 18.69 7.45 16.29
C ALA G 232 17.62 6.44 16.60
N ILE G 233 18.07 5.27 17.04
CA ILE G 233 17.15 4.21 17.39
C ILE G 233 17.63 3.63 18.70
N VAL G 234 16.73 3.54 19.66
CA VAL G 234 17.02 2.98 20.97
C VAL G 234 16.32 1.64 20.98
N PHE G 235 17.08 0.57 20.77
CA PHE G 235 16.47 -0.77 20.74
C PHE G 235 17.13 -1.72 21.72
N ARG G 236 16.42 -2.81 22.02
CA ARG G 236 16.93 -3.82 22.94
C ARG G 236 17.51 -4.95 22.09
N THR G 237 18.63 -5.52 22.53
CA THR G 237 19.28 -6.61 21.76
C THR G 237 18.52 -7.93 21.81
N PRO G 238 18.65 -8.72 20.73
CA PRO G 238 18.00 -10.04 20.59
C PRO G 238 18.77 -11.17 21.25
N PRO G 239 18.06 -12.21 21.72
CA PRO G 239 18.73 -13.34 22.36
C PRO G 239 19.62 -13.99 21.32
N TYR G 240 20.70 -14.62 21.74
CA TYR G 240 21.57 -15.31 20.77
C TYR G 240 21.12 -16.75 20.80
N ALA G 241 21.44 -17.49 19.74
CA ALA G 241 21.06 -18.90 19.64
C ALA G 241 21.45 -19.71 20.88
N ASP G 242 22.68 -19.52 21.34
CA ASP G 242 23.17 -20.26 22.51
C ASP G 242 23.01 -19.50 23.83
N PRO G 243 21.88 -19.72 24.55
CA PRO G 243 21.60 -19.06 25.83
C PRO G 243 22.53 -19.46 26.96
N SER G 244 23.78 -19.77 26.62
CA SER G 244 24.79 -20.19 27.60
C SER G 244 26.12 -20.28 26.88
N LEU G 245 26.40 -19.27 26.05
CA LEU G 245 27.64 -19.20 25.30
C LEU G 245 28.82 -19.54 26.21
N GLN G 246 29.93 -19.98 25.61
CA GLN G 246 31.11 -20.35 26.38
C GLN G 246 32.29 -19.43 26.10
N ALA G 247 32.21 -18.70 24.99
CA ALA G 247 33.26 -17.77 24.60
C ALA G 247 32.66 -16.72 23.66
N PRO G 248 33.25 -15.52 23.63
CA PRO G 248 32.78 -14.43 22.78
C PRO G 248 32.50 -14.82 21.32
N VAL G 249 31.32 -14.45 20.84
CA VAL G 249 30.91 -14.72 19.46
C VAL G 249 30.74 -13.36 18.78
N ARG G 250 31.52 -13.11 17.73
CA ARG G 250 31.48 -11.84 17.01
C ARG G 250 30.48 -11.81 15.85
N VAL G 251 29.22 -11.53 16.16
CA VAL G 251 28.15 -11.47 15.15
C VAL G 251 28.20 -10.14 14.41
N SER G 252 27.26 -9.97 13.48
CA SER G 252 27.20 -8.72 12.73
C SER G 252 25.83 -8.08 12.83
N MET G 253 25.82 -6.75 12.82
CA MET G 253 24.60 -5.97 12.92
C MET G 253 24.61 -4.88 11.86
N GLN G 254 23.48 -4.77 11.16
CA GLN G 254 23.34 -3.76 10.13
C GLN G 254 21.90 -3.27 10.14
N LEU G 255 21.71 -2.07 9.60
CA LEU G 255 20.40 -1.47 9.52
C LEU G 255 19.69 -2.06 8.30
N ARG G 256 18.44 -2.48 8.48
CA ARG G 256 17.67 -3.04 7.37
C ARG G 256 16.36 -2.31 7.11
N ARG G 257 16.14 -1.99 5.84
CA ARG G 257 14.93 -1.32 5.35
C ARG G 257 14.14 -2.38 4.59
N PRO G 258 13.03 -2.86 5.18
CA PRO G 258 12.22 -3.88 4.50
C PRO G 258 11.78 -3.50 3.09
N SER G 259 11.06 -2.39 2.96
CA SER G 259 10.57 -1.93 1.66
C SER G 259 11.44 -2.38 0.49
N ASP G 260 12.65 -1.86 0.37
CA ASP G 260 13.48 -2.28 -0.76
C ASP G 260 14.53 -3.30 -0.34
N ARG G 261 14.22 -4.02 0.74
CA ARG G 261 15.06 -5.07 1.27
C ARG G 261 16.55 -4.75 1.31
N GLU G 262 16.91 -3.48 1.52
CA GLU G 262 18.32 -3.13 1.57
C GLU G 262 18.89 -3.13 2.98
N LEU G 263 20.21 -3.27 3.08
CA LEU G 263 20.88 -3.28 4.37
C LEU G 263 22.09 -2.36 4.44
N SER G 264 22.40 -1.93 5.65
CA SER G 264 23.53 -1.04 5.87
C SER G 264 24.79 -1.86 5.98
N GLU G 265 25.94 -1.18 5.97
CA GLU G 265 27.22 -1.85 6.08
C GLU G 265 27.19 -2.55 7.43
N PRO G 266 27.77 -3.76 7.51
CA PRO G 266 27.79 -4.53 8.76
C PRO G 266 28.60 -3.85 9.84
N MET G 267 28.23 -4.10 11.09
CA MET G 267 28.91 -3.51 12.23
C MET G 267 29.19 -4.59 13.26
N GLU G 268 30.45 -4.72 13.65
CA GLU G 268 30.83 -5.73 14.64
C GLU G 268 30.10 -5.58 15.96
N PHE G 269 29.69 -6.72 16.51
CA PHE G 269 29.03 -6.77 17.80
C PHE G 269 29.25 -8.17 18.34
N GLN G 270 29.74 -8.29 19.56
CA GLN G 270 29.99 -9.61 20.08
C GLN G 270 29.27 -10.05 21.33
N TYR G 271 28.46 -11.09 21.18
CA TYR G 271 27.71 -11.62 22.29
C TYR G 271 28.66 -12.30 23.27
N LEU G 272 28.60 -11.87 24.53
CA LEU G 272 29.46 -12.45 25.55
C LEU G 272 28.68 -13.48 26.37
N PRO G 273 29.40 -14.43 27.00
CA PRO G 273 28.79 -15.49 27.83
C PRO G 273 27.95 -15.02 29.01
N ASP G 274 27.04 -15.88 29.44
CA ASP G 274 26.12 -15.61 30.55
C ASP G 274 25.52 -14.20 30.53
N MET H 1 2.47 61.45 30.11
CA MET H 1 1.57 61.73 28.96
C MET H 1 0.11 61.40 29.31
N GLY H 2 -0.31 61.81 30.50
CA GLY H 2 -1.67 61.55 30.93
C GLY H 2 -2.07 60.09 30.73
N PRO H 3 -2.97 59.82 29.77
CA PRO H 3 -3.38 58.44 29.53
C PRO H 3 -2.23 57.74 28.81
N TYR H 4 -2.13 56.43 28.97
CA TYR H 4 -1.07 55.70 28.32
C TYR H 4 -1.37 54.21 28.26
N LEU H 5 -0.80 53.53 27.27
CA LEU H 5 -1.02 52.11 27.15
C LEU H 5 0.03 51.47 28.04
N GLN H 6 -0.25 50.28 28.54
CA GLN H 6 0.64 49.55 29.42
C GLN H 6 0.37 48.06 29.21
N ILE H 7 1.43 47.25 29.26
CA ILE H 7 1.25 45.82 29.06
C ILE H 7 0.96 45.07 30.34
N LEU H 8 -0.16 44.35 30.36
CA LEU H 8 -0.52 43.55 31.53
C LEU H 8 0.42 42.36 31.49
N GLU H 9 0.12 41.39 30.64
CA GLU H 9 0.96 40.20 30.48
C GLU H 9 1.93 40.35 29.32
N GLN H 10 2.43 39.24 28.79
CA GLN H 10 3.39 39.27 27.68
C GLN H 10 3.51 37.92 26.96
N PRO H 11 4.10 37.93 25.75
CA PRO H 11 4.27 36.68 24.98
C PRO H 11 5.44 35.92 25.62
N LYS H 12 5.32 34.60 25.71
CA LYS H 12 6.36 33.78 26.33
C LYS H 12 7.78 33.94 25.75
N GLN H 13 7.93 34.84 24.79
CA GLN H 13 9.23 35.09 24.15
C GLN H 13 9.81 33.89 23.41
N ARG H 14 9.59 32.67 23.90
CA ARG H 14 10.15 31.51 23.20
C ARG H 14 9.23 30.31 23.25
N GLY H 15 9.21 29.55 22.16
CA GLY H 15 8.38 28.35 22.10
C GLY H 15 7.28 28.43 21.07
N PHE H 16 7.15 29.58 20.42
CA PHE H 16 6.10 29.73 19.42
C PHE H 16 6.66 29.60 18.02
N ARG H 17 6.10 28.66 17.27
CA ARG H 17 6.51 28.38 15.91
C ARG H 17 5.69 29.19 14.92
N PHE H 18 6.31 30.17 14.29
CA PHE H 18 5.63 31.00 13.30
C PHE H 18 5.12 30.06 12.24
N ARG H 19 4.19 30.53 11.43
CA ARG H 19 3.67 29.63 10.41
C ARG H 19 3.60 30.28 9.05
N TYR H 20 4.11 29.57 8.07
CA TYR H 20 4.11 30.04 6.70
C TYR H 20 2.72 29.81 6.16
N VAL H 21 2.25 30.77 5.38
CA VAL H 21 0.94 30.68 4.79
C VAL H 21 0.57 29.25 4.41
N CYS H 22 1.41 28.62 3.61
CA CYS H 22 1.15 27.26 3.17
C CYS H 22 0.86 26.29 4.31
N GLU H 23 1.49 26.49 5.47
CA GLU H 23 1.25 25.59 6.59
C GLU H 23 -0.24 25.53 6.96
N GLY H 24 -1.00 26.54 6.59
CA GLY H 24 -2.41 26.53 6.91
C GLY H 24 -2.69 27.40 8.13
N PRO H 25 -3.97 27.54 8.53
CA PRO H 25 -4.33 28.37 9.70
C PRO H 25 -4.55 27.64 11.04
N SER H 26 -4.64 28.45 12.09
CA SER H 26 -4.87 28.00 13.46
C SER H 26 -4.09 26.77 13.89
N HIS H 27 -2.81 26.95 14.15
CA HIS H 27 -1.96 25.86 14.61
C HIS H 27 -1.64 26.18 16.05
N GLY H 28 -2.24 27.27 16.53
CA GLY H 28 -2.02 27.68 17.90
C GLY H 28 -2.44 29.11 18.12
N GLY H 29 -1.88 29.71 19.16
CA GLY H 29 -2.18 31.09 19.48
C GLY H 29 -0.96 31.62 20.19
N LEU H 30 -0.62 32.88 19.97
CA LEU H 30 0.54 33.46 20.61
C LEU H 30 0.28 33.46 22.12
N PRO H 31 0.90 32.51 22.85
CA PRO H 31 0.75 32.37 24.30
C PRO H 31 1.39 33.49 25.09
N GLY H 32 0.99 33.60 26.35
CA GLY H 32 1.52 34.63 27.23
C GLY H 32 2.39 34.06 28.32
N ALA H 33 3.31 34.87 28.84
CA ALA H 33 4.23 34.46 29.90
C ALA H 33 3.47 33.89 31.11
N SER H 34 3.14 32.61 31.02
CA SER H 34 2.41 31.91 32.06
C SER H 34 2.00 30.54 31.54
N SER H 35 2.37 29.49 32.27
CA SER H 35 2.04 28.12 31.88
C SER H 35 0.80 27.65 32.63
N GLU H 36 0.84 27.78 33.95
CA GLU H 36 -0.26 27.35 34.83
C GLU H 36 -0.57 25.86 34.71
N LYS H 37 0.08 25.22 33.73
CA LYS H 37 -0.08 23.79 33.47
C LYS H 37 -1.52 23.44 33.10
N ASN H 38 -2.45 23.75 33.99
CA ASN H 38 -3.87 23.46 33.75
C ASN H 38 -4.32 24.37 32.63
N LYS H 39 -4.30 25.67 32.90
CA LYS H 39 -4.69 26.67 31.91
C LYS H 39 -3.42 27.35 31.42
N LYS H 40 -3.50 28.64 31.16
CA LYS H 40 -2.35 29.41 30.69
C LYS H 40 -2.79 30.85 30.46
N SER H 41 -2.38 31.47 29.36
CA SER H 41 -2.78 32.85 29.10
C SER H 41 -2.27 33.38 27.78
N TYR H 42 -2.54 34.65 27.53
CA TYR H 42 -2.13 35.33 26.31
C TYR H 42 -1.69 36.75 26.59
N PRO H 43 -1.08 37.43 25.60
CA PRO H 43 -0.64 38.81 25.84
C PRO H 43 -1.80 39.71 26.19
N GLN H 44 -1.85 40.15 27.44
CA GLN H 44 -2.91 41.04 27.91
C GLN H 44 -2.33 42.44 28.12
N VAL H 45 -2.97 43.44 27.53
CA VAL H 45 -2.54 44.83 27.66
C VAL H 45 -3.68 45.64 28.31
N LYS H 46 -3.35 46.81 28.82
CA LYS H 46 -4.34 47.64 29.48
C LYS H 46 -4.08 49.13 29.28
N ILE H 47 -5.06 49.95 29.67
CA ILE H 47 -4.94 51.39 29.55
C ILE H 47 -5.09 52.02 30.93
N CYS H 48 -4.07 52.74 31.39
CA CYS H 48 -4.13 53.35 32.71
C CYS H 48 -4.31 54.86 32.62
N ASN H 49 -4.95 55.45 33.63
CA ASN H 49 -5.21 56.89 33.62
C ASN H 49 -5.96 57.07 32.31
N TYR H 50 -6.68 56.01 31.96
CA TYR H 50 -7.45 55.93 30.72
C TYR H 50 -8.53 56.95 30.49
N VAL H 51 -9.22 56.78 29.36
CA VAL H 51 -10.31 57.65 28.91
C VAL H 51 -11.63 56.85 28.98
N GLY H 52 -12.46 57.00 27.96
CA GLY H 52 -13.71 56.28 27.93
C GLY H 52 -13.50 55.12 26.97
N PRO H 53 -14.35 54.97 25.94
CA PRO H 53 -14.09 53.84 25.04
C PRO H 53 -12.82 54.16 24.30
N ALA H 54 -12.23 53.14 23.70
CA ALA H 54 -11.00 53.31 22.93
C ALA H 54 -10.68 52.02 22.21
N LYS H 55 -10.01 52.15 21.08
CA LYS H 55 -9.63 51.00 20.26
C LYS H 55 -8.11 50.95 20.07
N VAL H 56 -7.50 49.87 20.55
CA VAL H 56 -6.06 49.71 20.41
C VAL H 56 -5.70 48.73 19.28
N ILE H 57 -4.64 49.05 18.56
CA ILE H 57 -4.17 48.22 17.45
C ILE H 57 -2.83 47.59 17.79
N VAL H 58 -2.43 46.58 17.02
CA VAL H 58 -1.15 45.92 17.23
C VAL H 58 -0.52 45.51 15.90
N GLN H 59 0.72 45.96 15.69
CA GLN H 59 1.49 45.69 14.47
C GLN H 59 2.79 44.96 14.80
N LEU H 60 3.14 43.93 14.02
CA LEU H 60 4.37 43.20 14.24
C LEU H 60 5.54 44.10 13.90
N VAL H 61 6.37 44.38 14.88
CA VAL H 61 7.50 45.25 14.66
C VAL H 61 8.86 44.50 14.59
N THR H 62 9.85 45.15 14.00
CA THR H 62 11.18 44.54 13.86
C THR H 62 12.05 44.81 15.07
N ASN H 63 12.84 43.83 15.49
CA ASN H 63 13.71 44.05 16.66
C ASN H 63 14.80 45.03 16.21
N GLY H 64 15.97 44.90 16.83
CA GLY H 64 17.07 45.79 16.48
C GLY H 64 16.81 47.25 16.72
N LYS H 65 17.86 47.93 17.19
CA LYS H 65 17.81 49.35 17.51
C LYS H 65 16.61 50.04 16.86
N ASN H 66 16.81 50.57 15.65
CA ASN H 66 15.73 51.25 14.94
C ASN H 66 14.54 50.33 14.71
N ILE H 67 13.37 50.81 15.08
CA ILE H 67 12.11 50.08 14.95
C ILE H 67 11.48 50.35 13.59
N HIS H 68 10.97 49.30 12.96
CA HIS H 68 10.36 49.42 11.63
C HIS H 68 9.29 48.35 11.42
N LEU H 69 8.47 48.54 10.39
CA LEU H 69 7.44 47.57 10.08
C LEU H 69 8.12 46.23 9.73
N HIS H 70 7.55 45.14 10.22
CA HIS H 70 8.09 43.83 9.95
C HIS H 70 7.21 43.13 8.93
N ALA H 71 7.83 42.37 8.03
CA ALA H 71 7.09 41.68 6.99
C ALA H 71 6.05 40.68 7.48
N HIS H 72 6.35 39.93 8.54
CA HIS H 72 5.40 38.94 9.07
C HIS H 72 4.06 39.58 9.45
N SER H 73 2.99 38.79 9.45
CA SER H 73 1.66 39.31 9.77
C SER H 73 0.96 38.56 10.90
N LEU H 74 0.20 39.31 11.70
CA LEU H 74 -0.59 38.73 12.78
C LEU H 74 -1.84 38.17 12.13
N VAL H 75 -2.39 37.10 12.69
CA VAL H 75 -3.57 36.50 12.08
C VAL H 75 -4.65 36.09 13.10
N GLY H 76 -5.90 36.04 12.65
CA GLY H 76 -7.01 35.67 13.52
C GLY H 76 -7.63 36.88 14.19
N LYS H 77 -8.24 36.66 15.37
CA LYS H 77 -8.88 37.72 16.15
C LYS H 77 -9.39 38.86 15.29
N HIS H 78 -9.16 40.08 15.78
CA HIS H 78 -9.58 41.27 15.07
C HIS H 78 -8.45 41.76 14.20
N CYS H 79 -7.67 40.81 13.68
CA CYS H 79 -6.53 41.12 12.82
C CYS H 79 -6.99 41.18 11.36
N GLU H 80 -6.37 42.09 10.60
CA GLU H 80 -6.65 42.29 9.17
C GLU H 80 -5.42 42.97 8.60
N ASP H 81 -4.79 42.36 7.61
CA ASP H 81 -3.58 42.93 7.05
C ASP H 81 -2.46 42.92 8.09
N GLY H 82 -2.42 41.84 8.87
CA GLY H 82 -1.39 41.69 9.88
C GLY H 82 -1.52 42.59 11.09
N VAL H 83 -2.54 43.44 11.11
CA VAL H 83 -2.72 44.31 12.27
C VAL H 83 -4.06 44.09 12.94
N CYS H 84 -3.99 43.64 14.18
CA CYS H 84 -5.18 43.38 14.98
C CYS H 84 -5.77 44.68 15.48
N THR H 85 -7.09 44.78 15.43
CA THR H 85 -7.75 45.97 15.89
C THR H 85 -8.83 45.59 16.88
N VAL H 86 -8.59 45.93 18.13
CA VAL H 86 -9.52 45.59 19.19
C VAL H 86 -10.13 46.84 19.84
N THR H 87 -11.36 46.72 20.32
CA THR H 87 -12.05 47.84 20.94
C THR H 87 -11.90 47.83 22.46
N ALA H 88 -12.69 46.99 23.13
CA ALA H 88 -12.65 46.91 24.59
C ALA H 88 -12.65 48.30 25.23
N GLY H 89 -13.65 49.11 24.88
CA GLY H 89 -13.75 50.44 25.44
C GLY H 89 -14.94 50.64 26.38
N PRO H 90 -15.46 49.58 26.99
CA PRO H 90 -16.60 49.76 27.90
C PRO H 90 -16.22 50.57 29.14
N LYS H 91 -16.20 49.90 30.28
CA LYS H 91 -15.87 50.51 31.56
C LYS H 91 -14.34 50.47 31.73
N ASP H 92 -13.81 49.25 31.63
CA ASP H 92 -12.37 48.99 31.78
C ASP H 92 -11.66 49.08 30.44
N MET H 93 -10.40 49.52 30.48
CA MET H 93 -9.59 49.65 29.28
C MET H 93 -8.52 48.56 29.19
N VAL H 94 -8.83 47.38 29.71
CA VAL H 94 -7.92 46.25 29.67
C VAL H 94 -8.37 45.28 28.59
N VAL H 95 -7.54 45.12 27.56
CA VAL H 95 -7.88 44.21 26.47
C VAL H 95 -6.86 43.10 26.28
N GLY H 96 -7.35 41.87 26.26
CA GLY H 96 -6.48 40.72 26.07
C GLY H 96 -6.47 40.19 24.65
N PHE H 97 -5.28 39.99 24.10
CA PHE H 97 -5.14 39.48 22.75
C PHE H 97 -4.85 38.00 22.76
N ALA H 98 -5.90 37.20 22.63
CA ALA H 98 -5.75 35.75 22.65
C ALA H 98 -5.93 35.13 21.26
N ASN H 99 -5.37 33.93 21.10
CA ASN H 99 -5.44 33.21 19.84
C ASN H 99 -4.94 34.05 18.67
N LEU H 100 -3.70 34.53 18.81
CA LEU H 100 -3.05 35.34 17.79
C LEU H 100 -1.99 34.51 17.06
N GLY H 101 -2.02 34.53 15.73
CA GLY H 101 -1.05 33.77 14.98
C GLY H 101 -0.07 34.71 14.31
N ILE H 102 1.09 34.18 13.94
CA ILE H 102 2.10 34.97 13.27
C ILE H 102 2.45 34.21 12.01
N LEU H 103 2.35 34.90 10.88
CA LEU H 103 2.62 34.32 9.57
C LEU H 103 4.03 34.64 9.12
N HIS H 104 4.79 33.59 8.83
CA HIS H 104 6.16 33.72 8.39
C HIS H 104 6.17 34.08 6.93
N VAL H 105 6.80 35.19 6.61
CA VAL H 105 6.88 35.62 5.23
C VAL H 105 8.15 34.94 4.70
N THR H 106 8.14 34.50 3.44
CA THR H 106 9.32 33.84 2.89
C THR H 106 10.31 34.91 2.50
N LYS H 107 11.59 34.56 2.56
CA LYS H 107 12.65 35.51 2.23
C LYS H 107 12.37 36.23 0.90
N LYS H 108 11.79 35.52 -0.06
CA LYS H 108 11.51 36.13 -1.35
C LYS H 108 10.38 37.15 -1.28
N LYS H 109 9.28 36.77 -0.66
CA LYS H 109 8.13 37.65 -0.54
C LYS H 109 8.27 38.75 0.50
N VAL H 110 9.46 38.92 1.06
CA VAL H 110 9.69 39.97 2.06
C VAL H 110 9.42 41.38 1.51
N PHE H 111 10.27 41.83 0.60
CA PHE H 111 10.16 43.15 -0.04
C PHE H 111 8.77 43.40 -0.58
N GLU H 112 8.25 42.47 -1.37
CA GLU H 112 6.93 42.61 -1.94
C GLU H 112 5.88 42.78 -0.83
N THR H 113 5.98 41.93 0.20
CA THR H 113 5.04 41.99 1.32
C THR H 113 5.29 43.22 2.18
N LEU H 114 6.55 43.58 2.35
CA LEU H 114 6.88 44.76 3.14
C LEU H 114 6.25 46.02 2.53
N GLU H 115 6.60 46.32 1.28
CA GLU H 115 6.09 47.52 0.62
C GLU H 115 4.60 47.77 0.87
N ALA H 116 3.78 46.74 0.68
CA ALA H 116 2.33 46.86 0.86
C ALA H 116 1.95 47.20 2.29
N ARG H 117 2.64 46.60 3.25
CA ARG H 117 2.34 46.86 4.65
C ARG H 117 2.67 48.31 4.99
N MET H 118 3.65 48.87 4.30
CA MET H 118 4.05 50.26 4.51
C MET H 118 3.12 51.12 3.67
N THR H 119 1.93 50.60 3.43
CA THR H 119 0.94 51.30 2.62
C THR H 119 -0.39 51.19 3.35
N GLU H 120 -0.69 50.01 3.88
CA GLU H 120 -1.94 49.82 4.62
C GLU H 120 -1.88 50.59 5.93
N ALA H 121 -0.67 51.02 6.29
CA ALA H 121 -0.46 51.79 7.52
C ALA H 121 -0.42 53.27 7.19
N CYS H 122 0.24 53.64 6.09
CA CYS H 122 0.30 55.04 5.72
C CYS H 122 -1.09 55.56 5.41
N ILE H 123 -1.82 54.89 4.53
CA ILE H 123 -3.16 55.34 4.20
C ILE H 123 -4.03 55.38 5.45
N ARG H 124 -3.88 54.37 6.30
CA ARG H 124 -4.66 54.29 7.52
C ARG H 124 -4.05 55.17 8.62
N GLY H 125 -4.73 55.27 9.76
CA GLY H 125 -4.19 56.08 10.85
C GLY H 125 -3.38 55.21 11.78
N TYR H 126 -2.32 54.60 11.25
CA TYR H 126 -1.48 53.70 12.03
C TYR H 126 -0.01 54.07 11.94
N ASN H 127 0.57 54.47 13.07
CA ASN H 127 1.98 54.86 13.16
C ASN H 127 2.67 54.76 11.81
N PRO H 128 2.41 55.73 10.92
CA PRO H 128 3.01 55.77 9.57
C PRO H 128 4.51 56.04 9.56
N GLY H 129 4.88 57.29 9.28
CA GLY H 129 6.29 57.65 9.24
C GLY H 129 6.96 57.50 10.60
N LEU H 130 6.49 56.53 11.36
CA LEU H 130 7.02 56.26 12.69
C LEU H 130 7.65 54.87 12.62
N LEU H 131 7.23 54.11 11.62
CA LEU H 131 7.72 52.76 11.36
C LEU H 131 8.14 52.66 9.90
N VAL H 132 7.58 53.52 9.07
CA VAL H 132 7.91 53.52 7.65
C VAL H 132 9.11 54.44 7.43
N HIS H 133 8.88 55.74 7.49
CA HIS H 133 9.97 56.70 7.31
C HIS H 133 9.71 58.02 8.02
N SER H 134 10.55 58.32 9.01
CA SER H 134 10.44 59.54 9.80
C SER H 134 9.76 60.67 9.05
N ASP H 135 10.11 60.82 7.79
CA ASP H 135 9.55 61.85 6.95
C ASP H 135 8.03 61.84 6.92
N LEU H 136 7.45 60.67 6.69
CA LEU H 136 5.99 60.54 6.62
C LEU H 136 5.30 60.73 7.96
N ALA H 137 5.92 61.55 8.82
CA ALA H 137 5.41 61.85 10.15
C ALA H 137 3.89 62.04 10.12
N TYR H 138 3.41 62.91 9.24
CA TYR H 138 1.98 63.13 9.12
C TYR H 138 1.38 61.85 8.55
N LEU H 139 0.21 61.95 7.94
CA LEU H 139 -0.46 60.77 7.36
C LEU H 139 -1.00 59.87 8.49
N GLN H 140 -1.34 60.49 9.61
CA GLN H 140 -1.86 59.75 10.75
C GLN H 140 -3.38 59.65 10.66
N ALA H 141 -4.06 59.82 11.79
CA ALA H 141 -5.51 59.77 11.81
C ALA H 141 -6.02 61.17 11.48
N GLU H 142 -5.11 62.02 11.02
CA GLU H 142 -5.42 63.40 10.68
C GLU H 142 -6.79 63.52 10.02
N GLY H 143 -7.16 62.50 9.25
CA GLY H 143 -8.45 62.50 8.58
C GLY H 143 -8.37 62.71 7.08
N GLY H 144 -7.75 61.76 6.39
CA GLY H 144 -7.63 61.84 4.94
C GLY H 144 -8.20 60.59 4.29
N GLY H 145 -9.37 60.71 3.68
CA GLY H 145 -10.01 59.57 3.02
C GLY H 145 -9.05 58.54 2.46
N ASP H 146 -7.97 59.03 1.86
CA ASP H 146 -6.94 58.20 1.27
C ASP H 146 -5.88 59.09 0.64
N ARG H 147 -5.10 59.76 1.49
CA ARG H 147 -4.04 60.64 1.01
C ARG H 147 -3.29 59.99 -0.14
N GLN H 148 -3.65 60.36 -1.35
CA GLN H 148 -2.99 59.80 -2.52
C GLN H 148 -1.49 60.02 -2.37
N LEU H 149 -0.75 58.96 -2.05
CA LEU H 149 0.68 59.10 -1.88
C LEU H 149 1.37 59.28 -3.22
N THR H 150 1.47 60.54 -3.61
CA THR H 150 2.09 60.94 -4.86
C THR H 150 3.26 60.08 -5.31
N ASP H 151 3.48 60.09 -6.62
CA ASP H 151 4.58 59.34 -7.23
C ASP H 151 5.87 59.73 -6.55
N ARG H 152 5.81 60.75 -5.71
CA ARG H 152 6.99 61.21 -5.01
C ARG H 152 7.08 60.66 -3.59
N GLU H 153 6.01 60.70 -2.81
CA GLU H 153 6.17 60.17 -1.47
C GLU H 153 5.72 58.72 -1.31
N LYS H 154 5.26 58.16 -2.43
CA LYS H 154 4.88 56.77 -2.49
C LYS H 154 6.21 56.10 -2.81
N GLU H 155 7.12 56.92 -3.34
CA GLU H 155 8.45 56.49 -3.72
C GLU H 155 9.35 56.50 -2.50
N ILE H 156 8.86 57.10 -1.41
CA ILE H 156 9.63 57.13 -0.18
C ILE H 156 9.35 55.80 0.50
N ILE H 157 8.10 55.37 0.43
CA ILE H 157 7.67 54.09 0.98
C ILE H 157 8.53 53.02 0.30
N ARG H 158 8.69 53.18 -1.01
CA ARG H 158 9.46 52.25 -1.82
C ARG H 158 10.90 52.15 -1.31
N GLN H 159 11.59 53.28 -1.30
CA GLN H 159 12.98 53.35 -0.85
C GLN H 159 13.17 52.75 0.53
N ALA H 160 12.15 52.89 1.38
CA ALA H 160 12.21 52.36 2.74
C ALA H 160 11.94 50.86 2.66
N ALA H 161 10.96 50.50 1.83
CA ALA H 161 10.59 49.10 1.63
C ALA H 161 11.62 48.42 0.74
N VAL H 162 12.80 49.02 0.66
CA VAL H 162 13.89 48.50 -0.16
C VAL H 162 15.12 48.27 0.71
N GLN H 163 15.52 49.29 1.45
CA GLN H 163 16.68 49.15 2.31
C GLN H 163 16.33 48.21 3.45
N GLN H 164 15.13 48.39 3.97
CA GLN H 164 14.63 47.57 5.08
C GLN H 164 14.45 46.09 4.79
N THR H 165 14.41 45.71 3.50
CA THR H 165 14.27 44.32 3.14
C THR H 165 15.59 43.57 3.30
N LYS H 166 16.70 44.31 3.41
CA LYS H 166 18.00 43.67 3.55
C LYS H 166 18.49 43.58 4.98
N GLU H 167 17.79 44.27 5.88
CA GLU H 167 18.17 44.24 7.29
C GLU H 167 17.26 43.31 8.06
N MET H 168 16.04 43.17 7.58
CA MET H 168 15.07 42.36 8.29
C MET H 168 15.52 40.98 8.72
N ASP H 169 15.01 40.57 9.87
CA ASP H 169 15.32 39.29 10.47
C ASP H 169 14.02 38.52 10.65
N LEU H 170 13.80 37.57 9.77
CA LEU H 170 12.59 36.79 9.77
C LEU H 170 12.38 35.83 10.94
N SER H 171 13.37 35.74 11.82
CA SER H 171 13.31 34.84 12.97
C SER H 171 12.79 35.47 14.26
N VAL H 172 12.91 36.78 14.37
CA VAL H 172 12.48 37.49 15.58
C VAL H 172 11.49 38.59 15.27
N VAL H 173 10.53 38.79 16.17
CA VAL H 173 9.51 39.85 16.00
C VAL H 173 9.00 40.40 17.34
N ARG H 174 8.53 41.63 17.31
CA ARG H 174 7.96 42.26 18.51
C ARG H 174 6.58 42.82 18.26
N LEU H 175 5.71 42.69 19.27
CA LEU H 175 4.36 43.22 19.17
C LEU H 175 4.41 44.69 19.53
N MET H 176 3.69 45.50 18.77
CA MET H 176 3.61 46.92 19.08
C MET H 176 2.16 47.22 19.39
N PHE H 177 1.93 47.98 20.45
CA PHE H 177 0.57 48.31 20.82
C PHE H 177 0.40 49.81 20.77
N THR H 178 -0.60 50.24 20.00
CA THR H 178 -0.93 51.66 19.84
C THR H 178 -2.42 51.79 20.01
N ALA H 179 -2.84 52.57 21.00
CA ALA H 179 -4.27 52.78 21.25
C ALA H 179 -4.68 54.21 20.98
N PHE H 180 -5.81 54.37 20.31
CA PHE H 180 -6.34 55.69 19.98
C PHE H 180 -7.62 55.94 20.78
N LEU H 181 -7.75 57.16 21.30
CA LEU H 181 -8.93 57.55 22.07
C LEU H 181 -9.90 58.30 21.17
N PRO H 182 -11.12 58.55 21.67
CA PRO H 182 -12.14 59.29 20.91
C PRO H 182 -11.69 60.73 20.64
N ASP H 183 -12.39 61.40 19.73
CA ASP H 183 -12.06 62.77 19.35
C ASP H 183 -13.09 63.34 18.38
N SER H 184 -13.89 64.30 18.86
CA SER H 184 -14.93 64.93 18.06
C SER H 184 -15.90 63.90 17.47
N THR H 185 -17.07 63.80 18.09
CA THR H 185 -18.11 62.86 17.69
C THR H 185 -17.89 61.47 18.27
N GLY H 186 -17.00 60.71 17.64
CA GLY H 186 -16.71 59.37 18.11
C GLY H 186 -15.51 58.73 17.44
N SER H 187 -15.05 59.31 16.34
CA SER H 187 -13.90 58.76 15.63
C SER H 187 -12.67 58.78 16.51
N PHE H 188 -11.81 57.76 16.37
CA PHE H 188 -10.60 57.65 17.19
C PHE H 188 -9.36 58.19 16.49
N THR H 189 -9.18 59.51 16.54
CA THR H 189 -8.05 60.14 15.88
C THR H 189 -6.74 60.09 16.67
N ARG H 190 -6.72 60.72 17.84
CA ARG H 190 -5.51 60.75 18.64
C ARG H 190 -5.06 59.45 19.25
N ARG H 191 -3.74 59.26 19.27
CA ARG H 191 -3.16 58.03 19.79
C ARG H 191 -2.26 58.21 21.01
N LEU H 192 -2.27 57.18 21.84
CA LEU H 192 -1.46 57.13 23.05
C LEU H 192 -0.09 56.52 22.71
N GLU H 193 0.95 57.04 23.32
CA GLU H 193 2.30 56.55 23.06
C GLU H 193 2.33 55.04 22.86
N PRO H 194 2.71 54.59 21.64
CA PRO H 194 2.79 53.18 21.30
C PRO H 194 3.91 52.51 22.09
N VAL H 195 3.67 51.29 22.55
CA VAL H 195 4.71 50.60 23.29
C VAL H 195 4.98 49.18 22.77
N VAL H 196 6.26 48.89 22.53
CA VAL H 196 6.66 47.57 22.05
C VAL H 196 6.95 46.63 23.22
N SER H 197 6.69 45.36 22.97
CA SER H 197 6.89 44.31 23.95
C SER H 197 8.25 43.70 23.77
N ASP H 198 8.36 42.47 24.27
CA ASP H 198 9.59 41.68 24.18
C ASP H 198 9.61 41.02 22.81
N ALA H 199 10.68 40.28 22.56
CA ALA H 199 10.83 39.57 21.32
C ALA H 199 10.18 38.21 21.47
N ILE H 200 9.58 37.71 20.40
CA ILE H 200 8.88 36.42 20.42
C ILE H 200 9.72 35.23 19.93
N TYR H 201 10.82 35.50 19.23
CA TYR H 201 11.70 34.44 18.73
C TYR H 201 11.03 33.20 18.14
N ASP H 202 11.10 33.05 16.83
CA ASP H 202 10.50 31.89 16.19
C ASP H 202 11.12 30.62 16.75
N SER H 203 10.28 29.70 17.21
CA SER H 203 10.77 28.45 17.77
C SER H 203 11.27 27.48 16.69
N LYS H 204 11.02 27.80 15.44
CA LYS H 204 11.49 26.92 14.38
C LYS H 204 12.95 27.28 14.05
N ALA H 205 13.43 28.39 14.59
CA ALA H 205 14.80 28.84 14.38
C ALA H 205 15.71 28.07 15.35
N PRO H 206 16.68 27.32 14.82
CA PRO H 206 17.65 26.50 15.57
C PRO H 206 18.24 27.14 16.81
N ASN H 207 18.59 28.42 16.73
CA ASN H 207 19.18 29.12 17.86
C ASN H 207 18.16 29.69 18.83
N ALA H 208 16.89 29.41 18.62
CA ALA H 208 15.89 29.96 19.54
C ALA H 208 14.95 28.90 20.07
N SER H 209 15.19 27.65 19.71
CA SER H 209 14.37 26.53 20.15
C SER H 209 14.30 26.44 21.68
N ASN H 210 13.40 25.59 22.17
CA ASN H 210 13.24 25.39 23.61
C ASN H 210 13.95 24.10 23.98
N LEU H 211 15.20 24.23 24.42
CA LEU H 211 16.04 23.10 24.80
C LEU H 211 15.35 22.02 25.62
N LYS H 212 15.63 20.77 25.26
CA LYS H 212 15.07 19.65 25.97
C LYS H 212 15.92 18.39 25.82
N ILE H 213 15.97 17.60 26.90
CA ILE H 213 16.71 16.36 26.89
C ILE H 213 15.60 15.32 26.88
N VAL H 214 15.36 14.73 25.71
CA VAL H 214 14.32 13.73 25.54
C VAL H 214 14.63 12.52 26.41
N ARG H 215 15.83 12.00 26.25
CA ARG H 215 16.26 10.86 27.04
C ARG H 215 17.77 10.78 26.98
N MET H 216 18.34 10.03 27.93
CA MET H 216 19.77 9.86 28.03
C MET H 216 20.16 8.41 28.22
N ASP H 217 21.28 8.05 27.62
CA ASP H 217 21.89 6.73 27.69
C ASP H 217 21.86 6.15 29.10
N ARG H 218 22.58 6.82 29.99
CA ARG H 218 22.69 6.44 31.39
C ARG H 218 22.54 7.75 32.16
N THR H 219 22.05 7.67 33.38
CA THR H 219 21.86 8.87 34.17
C THR H 219 22.67 8.90 35.46
N ALA H 220 23.77 8.15 35.46
CA ALA H 220 24.67 8.08 36.60
C ALA H 220 26.05 7.64 36.16
N GLY H 221 27.03 7.92 37.00
CA GLY H 221 28.39 7.56 36.69
C GLY H 221 29.34 7.80 37.84
N CYS H 222 30.59 7.40 37.64
CA CYS H 222 31.61 7.56 38.66
C CYS H 222 32.09 9.01 38.76
N VAL H 223 32.38 9.43 39.99
CA VAL H 223 32.85 10.78 40.25
C VAL H 223 34.07 11.13 39.41
N THR H 224 34.85 10.12 39.07
CA THR H 224 36.05 10.31 38.27
C THR H 224 35.67 11.04 37.00
N GLY H 225 34.44 10.83 36.56
CA GLY H 225 33.99 11.45 35.33
C GLY H 225 34.65 10.72 34.18
N GLY H 226 34.46 11.24 32.98
CA GLY H 226 35.09 10.61 31.83
C GLY H 226 34.37 9.37 31.31
N GLU H 227 33.12 9.19 31.71
CA GLU H 227 32.33 8.07 31.23
C GLU H 227 31.47 8.60 30.08
N GLU H 228 31.35 7.79 29.03
CA GLU H 228 30.61 8.16 27.85
C GLU H 228 29.09 8.10 28.03
N ILE H 229 28.40 9.13 27.59
CA ILE H 229 26.96 9.15 27.71
C ILE H 229 26.28 9.60 26.41
N TYR H 230 25.19 8.94 26.06
CA TYR H 230 24.43 9.29 24.86
C TYR H 230 23.22 10.13 25.23
N LEU H 231 23.08 11.25 24.52
CA LEU H 231 22.00 12.18 24.76
C LEU H 231 21.16 12.44 23.51
N LEU H 232 19.87 12.16 23.62
CA LEU H 232 18.97 12.45 22.51
C LEU H 232 18.25 13.74 22.86
N CYS H 233 18.35 14.74 21.99
CA CYS H 233 17.74 16.03 22.25
C CYS H 233 16.92 16.62 21.11
N ASP H 234 16.28 17.74 21.40
CA ASP H 234 15.49 18.47 20.42
C ASP H 234 16.54 19.23 19.65
N LYS H 235 16.26 19.60 18.42
CA LYS H 235 17.23 20.32 17.61
C LYS H 235 18.11 21.30 18.37
N VAL H 236 19.42 21.21 18.13
CA VAL H 236 20.41 22.10 18.73
C VAL H 236 21.49 22.35 17.67
N GLN H 237 22.37 23.31 17.92
CA GLN H 237 23.47 23.60 16.98
C GLN H 237 24.82 23.16 17.54
N LYS H 238 25.48 22.23 16.85
CA LYS H 238 26.78 21.68 17.22
C LYS H 238 27.73 22.72 17.81
N ASP H 239 27.83 23.85 17.14
CA ASP H 239 28.73 24.91 17.55
C ASP H 239 28.28 25.72 18.75
N ASP H 240 26.98 25.76 19.01
CA ASP H 240 26.46 26.57 20.09
C ASP H 240 25.71 25.78 21.16
N ILE H 241 26.30 24.71 21.69
CA ILE H 241 25.60 23.91 22.70
C ILE H 241 26.50 23.25 23.73
N GLN H 242 26.00 23.09 24.95
CA GLN H 242 26.79 22.45 25.98
C GLN H 242 25.99 21.78 27.06
N ILE H 243 26.51 20.66 27.56
CA ILE H 243 25.87 19.91 28.64
C ILE H 243 26.51 20.46 29.92
N ARG H 244 25.69 20.77 30.91
CA ARG H 244 26.21 21.31 32.17
C ARG H 244 25.62 20.61 33.38
N PHE H 245 26.50 20.11 34.25
CA PHE H 245 26.07 19.45 35.47
C PHE H 245 26.27 20.52 36.53
N TYR H 246 25.48 20.49 37.60
CA TYR H 246 25.65 21.49 38.66
C TYR H 246 25.05 21.08 40.00
N GLU H 247 25.52 21.72 41.06
CA GLU H 247 25.05 21.42 42.41
C GLU H 247 24.98 22.70 43.24
N GLU H 248 24.15 22.70 44.27
CA GLU H 248 24.02 23.86 45.13
C GLU H 248 24.50 23.51 46.52
N GLU H 249 25.53 24.21 46.99
CA GLU H 249 26.08 23.97 48.31
C GLU H 249 25.28 24.70 49.39
N GLU H 250 25.95 25.02 50.49
CA GLU H 250 25.36 25.73 51.62
C GLU H 250 24.92 27.12 51.17
N ASN H 251 24.37 27.89 52.11
CA ASN H 251 23.89 29.26 51.87
C ASN H 251 23.92 29.66 50.41
N GLY H 252 25.12 29.96 49.91
CA GLY H 252 25.26 30.35 48.52
C GLY H 252 26.49 29.73 47.89
N GLY H 253 26.32 29.18 46.69
CA GLY H 253 27.44 28.56 46.01
C GLY H 253 27.00 27.39 45.15
N VAL H 254 27.30 27.45 43.86
CA VAL H 254 26.93 26.39 42.95
C VAL H 254 28.15 25.78 42.25
N TRP H 255 28.17 24.45 42.15
CA TRP H 255 29.26 23.74 41.50
C TRP H 255 28.89 23.57 40.03
N GLU H 256 29.90 23.52 39.18
CA GLU H 256 29.64 23.41 37.75
C GLU H 256 30.53 22.47 36.98
N GLY H 257 29.91 21.46 36.39
CA GLY H 257 30.63 20.51 35.57
C GLY H 257 30.03 20.51 34.17
N PHE H 258 30.87 20.44 33.16
CA PHE H 258 30.39 20.45 31.79
C PHE H 258 30.81 19.17 31.10
N GLY H 259 29.94 18.66 30.22
CA GLY H 259 30.26 17.44 29.53
C GLY H 259 31.34 17.69 28.51
N ASP H 260 32.19 16.69 28.30
CA ASP H 260 33.28 16.83 27.35
C ASP H 260 32.89 16.28 25.99
N PHE H 261 32.98 17.11 24.97
CA PHE H 261 32.66 16.71 23.61
C PHE H 261 32.97 17.81 22.60
N SER H 262 33.07 17.42 21.33
CA SER H 262 33.36 18.37 20.28
C SER H 262 32.15 18.47 19.39
N PRO H 263 31.99 19.61 18.70
CA PRO H 263 30.81 19.70 17.83
C PRO H 263 30.62 18.45 16.98
N THR H 264 31.74 17.82 16.64
CA THR H 264 31.68 16.60 15.84
C THR H 264 30.94 15.46 16.56
N ASP H 265 30.82 15.56 17.87
CA ASP H 265 30.14 14.52 18.62
C ASP H 265 28.63 14.72 18.66
N VAL H 266 28.15 15.73 17.93
CA VAL H 266 26.71 16.01 17.87
C VAL H 266 26.16 15.39 16.57
N HIS H 267 25.17 14.53 16.70
CA HIS H 267 24.58 13.85 15.56
C HIS H 267 23.31 14.52 15.03
N ARG H 268 23.36 15.03 13.80
CA ARG H 268 22.22 15.69 13.14
C ARG H 268 21.39 16.61 14.05
N GLN H 269 22.06 17.45 14.82
CA GLN H 269 21.40 18.39 15.72
C GLN H 269 20.39 17.72 16.66
N PHE H 270 20.45 16.40 16.82
CA PHE H 270 19.50 15.73 17.69
C PHE H 270 20.12 14.77 18.69
N ALA H 271 21.43 14.62 18.67
CA ALA H 271 22.12 13.72 19.59
C ALA H 271 23.51 14.19 19.95
N ILE H 272 23.96 13.79 21.15
CA ILE H 272 25.27 14.18 21.62
C ILE H 272 25.95 13.04 22.34
N VAL H 273 27.17 12.71 21.92
CA VAL H 273 27.96 11.68 22.58
C VAL H 273 29.03 12.46 23.31
N PHE H 274 28.95 12.48 24.64
CA PHE H 274 29.93 13.22 25.43
C PHE H 274 30.43 12.41 26.64
N LYS H 275 31.35 12.99 27.39
CA LYS H 275 31.91 12.32 28.58
C LYS H 275 31.65 13.15 29.82
N THR H 276 31.19 12.46 30.87
CA THR H 276 30.90 13.11 32.14
C THR H 276 32.15 13.77 32.71
N PRO H 277 31.96 14.84 33.49
CA PRO H 277 33.07 15.56 34.12
C PRO H 277 33.35 14.98 35.50
N LYS H 278 34.48 15.36 36.09
CA LYS H 278 34.84 14.90 37.42
C LYS H 278 33.89 15.56 38.41
N TYR H 279 33.44 14.84 39.44
CA TYR H 279 32.54 15.44 40.41
C TYR H 279 33.32 16.33 41.38
N LYS H 280 32.61 17.25 42.02
CA LYS H 280 33.19 18.18 42.99
C LYS H 280 34.30 17.53 43.82
N ASP H 281 33.97 16.43 44.50
CA ASP H 281 34.95 15.72 45.31
C ASP H 281 34.95 14.20 45.08
N VAL H 282 35.91 13.75 44.28
CA VAL H 282 36.05 12.36 43.94
C VAL H 282 36.42 11.50 45.16
N ASN H 283 36.29 12.06 46.35
CA ASN H 283 36.62 11.34 47.56
C ASN H 283 35.41 10.89 48.33
N ILE H 284 34.23 11.29 47.86
CA ILE H 284 32.99 10.93 48.52
C ILE H 284 32.83 9.42 48.65
N THR H 285 32.19 8.97 49.71
CA THR H 285 32.01 7.53 49.91
C THR H 285 30.56 7.14 49.70
N LYS H 286 29.70 8.14 49.62
CA LYS H 286 28.28 7.89 49.36
C LYS H 286 27.82 8.61 48.10
N PRO H 287 26.86 8.02 47.38
CA PRO H 287 26.36 8.63 46.16
C PRO H 287 25.85 10.05 46.36
N ALA H 288 26.18 10.92 45.41
CA ALA H 288 25.76 12.33 45.47
C ALA H 288 24.98 12.68 44.22
N SER H 289 23.75 13.14 44.40
CA SER H 289 22.94 13.47 43.25
C SER H 289 23.09 14.91 42.79
N VAL H 290 23.34 15.07 41.50
CA VAL H 290 23.49 16.40 40.91
C VAL H 290 22.43 16.51 39.82
N PHE H 291 22.39 17.65 39.15
CA PHE H 291 21.43 17.84 38.09
C PHE H 291 22.11 18.15 36.79
N VAL H 292 21.62 17.56 35.70
CA VAL H 292 22.20 17.81 34.39
C VAL H 292 21.24 18.63 33.58
N GLN H 293 21.79 19.54 32.79
CA GLN H 293 20.97 20.39 31.96
C GLN H 293 21.71 20.76 30.67
N LEU H 294 20.91 21.06 29.67
CA LEU H 294 21.38 21.43 28.35
C LEU H 294 21.34 22.94 28.35
N ARG H 295 22.40 23.57 27.86
CA ARG H 295 22.43 25.03 27.81
C ARG H 295 23.08 25.53 26.54
N ARG H 296 22.61 26.69 26.10
CA ARG H 296 23.06 27.34 24.89
C ARG H 296 24.13 28.35 25.23
N LYS H 297 25.32 28.14 24.69
CA LYS H 297 26.46 29.00 24.92
C LYS H 297 26.17 30.47 24.65
N SER H 298 25.31 30.73 23.68
CA SER H 298 24.98 32.09 23.29
C SER H 298 24.09 32.82 24.28
N ASP H 299 22.79 32.50 24.24
CA ASP H 299 21.85 33.16 25.14
C ASP H 299 21.79 32.49 26.51
N LEU H 300 22.80 31.67 26.79
CA LEU H 300 22.89 30.96 28.06
C LEU H 300 21.55 30.37 28.53
N GLU H 301 20.68 30.07 27.56
CA GLU H 301 19.39 29.49 27.85
C GLU H 301 19.60 28.03 28.27
N THR H 302 18.76 27.53 29.17
CA THR H 302 18.90 26.16 29.63
C THR H 302 17.70 25.31 29.30
N SER H 303 17.70 24.09 29.79
CA SER H 303 16.61 23.17 29.56
C SER H 303 16.12 22.59 30.88
N GLU H 304 15.12 21.72 30.81
CA GLU H 304 14.62 21.09 32.02
C GLU H 304 15.75 20.28 32.63
N PRO H 305 16.06 20.53 33.90
CA PRO H 305 17.14 19.80 34.58
C PRO H 305 16.80 18.35 34.84
N LYS H 306 17.76 17.45 34.59
CA LYS H 306 17.57 16.02 34.80
C LYS H 306 18.49 15.56 35.93
N PRO H 307 17.94 14.84 36.92
CA PRO H 307 18.56 14.27 38.13
C PRO H 307 19.69 13.24 37.90
N PHE H 308 20.92 13.70 37.73
CA PHE H 308 22.04 12.78 37.49
C PHE H 308 22.67 12.38 38.81
N LEU H 309 23.04 11.12 38.93
CA LEU H 309 23.64 10.64 40.17
C LEU H 309 25.08 10.14 40.06
N TYR H 310 25.96 10.75 40.85
CA TYR H 310 27.37 10.35 40.87
C TYR H 310 27.56 9.39 42.04
N TYR H 311 28.50 8.47 41.91
CA TYR H 311 28.78 7.50 42.96
C TYR H 311 30.29 7.27 43.04
N PRO H 312 30.82 6.89 44.22
CA PRO H 312 32.25 6.64 44.43
C PRO H 312 32.90 5.51 43.61
N GLU H 313 34.22 5.44 43.68
CA GLU H 313 35.02 4.44 42.94
C GLU H 313 35.07 3.01 43.49
#